data_4DU3
#
_entry.id   4DU3
#
_cell.length_a   74.641
_cell.length_b   120.176
_cell.length_c   130.067
_cell.angle_alpha   90.00
_cell.angle_beta   90.00
_cell.angle_gamma   90.00
#
_symmetry.space_group_name_H-M   'P 21 21 21'
#
loop_
_entity.id
_entity.type
_entity.pdbx_description
1 polymer 'DNA polymerase'
2 polymer 'DNA template'
3 polymer 'DNA primer'
4 non-polymer "2'-DEOXYADENOSINE 5'-TRIPHOSPHATE"
5 non-polymer 'CALCIUM ION'
6 water water
#
loop_
_entity_poly.entity_id
_entity_poly.type
_entity_poly.pdbx_seq_one_letter_code
_entity_poly.pdbx_strand_id
1 'polypeptide(L)'
;MKEFYLTVEQIGDSIFERYIDSNGRERTREVEYKPSLFAHCPESQATKYFDIYGKPCTRKLFANMRDASQWIKRMEDIGL
EALGMDDFKLAYLSDTYNYEIKYDHTKIRVANFDIEVTSPDGFPEPSQAKHPIDAITHYDSIDDRFYVFDLLNSPYGNVE
EWSIEIAAKLQEQGGDEVPSEIIDKIIYMPFDNEKELLMEYLNFWQQKTPVILTGWNVESFAIPYVYNRIKNIFGESTAK
RLSPHRKTRVKVIENMYGSREIITLFGISVLDYIDLYKKFSFTNQPSYSLDYISEFELNVGKLKYDGPISKLRESNHQRY
ISYNIIAVYRVLQIDAKRQFINLSLDMGYYAKIQIQSVFSPIKTWDAIIFNSLKEQNKVIPQGRSHPVQPYPGAFVKEPI
PNRYKYVMSFDLTSLYPSIIRQVNISPETIAGTFKVAPLHDYINAVAERPSDVYSCSPNGMMYYKDRDGVVPTEITKVFN
QRKEHKGYMLAAQRNGEIIKEALHNPNLSVDEPLDVDYRFDFSDEIKEKIKKLSAKSLNEMLFRAQRTEVAGMTAQINRK
LLINSLYGALGNVWFRYYDLRNATAITTFGQMALQWIERKVNEYLNEVCGTEGEAFVLYGDTDSIYVSADKIIDKVGESK
FRDTNHWVDFLDKFARERMEPAIDRGFREMCEYMNNKQHLMFMDREAIAGPPLGSKGIGGFWTGKKRYALNVWDMEGTRY
AEPKLKIMGLETQKSSTPKAVQKALKECIRRMLQEGEESLQEYFKEFEKEFRQLNYISIASVSSANNIAKYDVGGFPGPK
CPFHIRGILTYNRAIKGNIDAPQVVEGEKVYVLPLREGNPFGDKCIAWPSGTEITDLIKDDVLHWMDYTVLLEKTFIKPL
EGFTSAAKLDYEKKASLFDMFDF
;
A
2 'polydeoxyribonucleotide' (DT)(DC)(DA)(DT)(4DU)(DT)(DA)(DA)(DG)(DC)(DA)(DG)(DT)(DC)(DC)(DG)(DC)(DG) T
3 'polydeoxyribonucleotide' (DG)(DC)(DG)(DG)(DA)(DC)(DT)(DG)(DC)(DT)(DT)(DA)(2DT) P
#
loop_
_chem_comp.id
_chem_comp.type
_chem_comp.name
_chem_comp.formula
2DT DNA linking 3'-DEOXYTHYMIDINE-5'-MONOPHOSPHATE 'C10 H15 N2 O7 P'
4DU DNA linking 1-(2-deoxy-5-O-phosphono-beta-D-erythro-pentofuranosyl)-1H-imidazo[4,5-c]pyridin-4-amine 'C11 H15 N4 O6 P'
CA non-polymer 'CALCIUM ION' 'Ca 2'
DA DNA linking 2'-DEOXYADENOSINE-5'-MONOPHOSPHATE 'C10 H14 N5 O6 P'
DC DNA linking 2'-DEOXYCYTIDINE-5'-MONOPHOSPHATE 'C9 H14 N3 O7 P'
DG DNA linking 2'-DEOXYGUANOSINE-5'-MONOPHOSPHATE 'C10 H14 N5 O7 P'
DT DNA linking THYMIDINE-5'-MONOPHOSPHATE 'C10 H15 N2 O8 P'
DTP non-polymer '2'-DEOXYADENOSINE 5'-TRIPHOSPHATE' 'C10 H16 N5 O12 P3'
#
# COMPACT_ATOMS: atom_id res chain seq x y z
N MET A 1 29.22 19.77 -2.09
CA MET A 1 27.77 19.49 -1.98
C MET A 1 27.24 19.98 -0.64
N LYS A 2 25.91 20.12 -0.55
CA LYS A 2 25.25 20.39 0.72
C LYS A 2 25.21 19.10 1.54
N GLU A 3 25.46 19.22 2.83
CA GLU A 3 25.43 18.06 3.72
C GLU A 3 24.02 17.54 3.94
N PHE A 4 23.91 16.24 4.23
CA PHE A 4 22.65 15.65 4.70
C PHE A 4 22.89 14.58 5.76
N TYR A 5 21.96 14.46 6.70
CA TYR A 5 22.03 13.39 7.70
C TYR A 5 21.80 12.03 7.05
N LEU A 6 22.27 11.00 7.71
CA LEU A 6 22.00 9.63 7.34
C LEU A 6 21.10 9.07 8.44
N THR A 7 21.60 9.08 9.67
CA THR A 7 20.81 8.66 10.81
C THR A 7 21.02 9.62 11.93
N VAL A 8 20.07 9.65 12.85
CA VAL A 8 20.17 10.47 14.04
C VAL A 8 19.59 9.70 15.22
N GLU A 9 20.25 9.79 16.37
CA GLU A 9 19.75 9.17 17.59
C GLU A 9 19.93 10.09 18.80
N GLN A 10 19.12 9.87 19.82
CA GLN A 10 19.39 10.46 21.13
C GLN A 10 19.86 9.38 22.09
N ILE A 11 21.04 9.57 22.67
CA ILE A 11 21.54 8.66 23.70
C ILE A 11 21.90 9.46 24.95
N GLY A 12 20.99 9.48 25.90
CA GLY A 12 21.14 10.31 27.10
C GLY A 12 21.18 11.78 26.74
N ASP A 13 22.31 12.44 27.01
CA ASP A 13 22.44 13.86 26.75
C ASP A 13 23.17 14.17 25.46
N SER A 14 23.35 13.14 24.64
CA SER A 14 24.05 13.27 23.38
C SER A 14 23.16 12.94 22.19
N ILE A 15 23.33 13.72 21.13
CA ILE A 15 22.82 13.35 19.82
C ILE A 15 23.95 12.63 19.12
N PHE A 16 23.66 11.45 18.60
CA PHE A 16 24.60 10.72 17.75
C PHE A 16 24.11 10.84 16.32
N GLU A 17 24.93 11.42 15.46
CA GLU A 17 24.51 11.63 14.08
C GLU A 17 25.50 11.00 13.12
N ARG A 18 24.99 10.24 12.16
CA ARG A 18 25.77 9.84 11.01
C ARG A 18 25.32 10.70 9.87
N TYR A 19 26.27 11.27 9.12
CA TYR A 19 25.91 12.20 8.06
C TYR A 19 26.88 12.12 6.88
N ILE A 20 26.50 12.79 5.79
CA ILE A 20 27.36 12.98 4.63
C ILE A 20 27.83 14.43 4.65
N ASP A 21 29.15 14.63 4.71
CA ASP A 21 29.70 15.97 4.78
C ASP A 21 29.78 16.62 3.39
N SER A 22 30.24 17.88 3.35
CA SER A 22 30.26 18.66 2.11
C SER A 22 31.17 18.08 1.02
N ASN A 23 31.93 17.04 1.36
CA ASN A 23 32.84 16.40 0.42
C ASN A 23 32.37 15.05 -0.09
N GLY A 24 31.24 14.59 0.45
CA GLY A 24 30.68 13.30 0.06
C GLY A 24 31.09 12.17 0.99
N ARG A 25 31.79 12.53 2.06
CA ARG A 25 32.26 11.54 3.01
C ARG A 25 31.24 11.24 4.11
N GLU A 26 31.06 9.97 4.41
CA GLU A 26 30.29 9.58 5.57
C GLU A 26 31.06 9.90 6.85
N ARG A 27 30.41 10.60 7.76
CA ARG A 27 31.00 10.97 9.05
C ARG A 27 30.06 10.63 10.19
N THR A 28 30.60 10.57 11.39
CA THR A 28 29.78 10.41 12.58
C THR A 28 30.23 11.41 13.62
N ARG A 29 29.27 11.97 14.35
CA ARG A 29 29.59 12.88 15.43
C ARG A 29 28.66 12.69 16.62
N GLU A 30 29.19 12.98 17.79
CA GLU A 30 28.41 13.07 19.01
C GLU A 30 28.29 14.54 19.37
N VAL A 31 27.04 15.02 19.52
CA VAL A 31 26.78 16.42 19.81
C VAL A 31 25.99 16.56 21.11
N GLU A 32 26.52 17.39 22.01
CA GLU A 32 25.85 17.68 23.27
C GLU A 32 24.80 18.78 23.03
N TYR A 33 23.75 18.39 22.33
CA TYR A 33 22.71 19.30 21.87
C TYR A 33 21.91 19.87 23.04
N LYS A 34 21.83 21.18 23.11
CA LYS A 34 21.04 21.84 24.14
C LYS A 34 19.69 22.23 23.55
N PRO A 35 18.62 21.53 23.96
CA PRO A 35 17.32 21.79 23.35
C PRO A 35 16.66 23.01 23.95
N SER A 36 15.72 23.59 23.20
CA SER A 36 14.86 24.63 23.73
C SER A 36 13.43 24.16 23.78
N LEU A 37 12.72 24.56 24.83
CA LEU A 37 11.28 24.42 24.88
C LEU A 37 10.68 25.78 25.26
N PHE A 38 9.36 25.90 25.26
CA PHE A 38 8.74 27.21 25.41
C PHE A 38 7.62 27.22 26.44
N ALA A 39 7.46 28.36 27.10
CA ALA A 39 6.32 28.57 27.96
C ALA A 39 5.64 29.87 27.57
N HIS A 40 4.32 29.93 27.76
CA HIS A 40 3.61 31.21 27.65
C HIS A 40 4.22 32.25 28.60
N CYS A 41 4.21 33.51 28.19
CA CYS A 41 4.73 34.60 29.01
C CYS A 41 3.81 35.83 28.90
N PRO A 42 3.96 36.82 29.81
CA PRO A 42 3.04 37.96 29.76
C PRO A 42 3.08 38.73 28.43
N GLU A 43 1.91 39.26 28.05
CA GLU A 43 1.75 40.08 26.84
C GLU A 43 2.73 41.26 26.80
N SER A 44 2.96 41.87 27.97
CA SER A 44 3.83 43.05 28.09
C SER A 44 5.33 42.73 28.00
N GLN A 45 5.67 41.51 27.61
CA GLN A 45 7.06 41.08 27.46
C GLN A 45 7.43 40.95 25.99
N ALA A 46 8.58 41.53 25.63
CA ALA A 46 9.09 41.51 24.25
C ALA A 46 9.63 40.14 23.84
N THR A 47 9.01 39.54 22.83
CA THR A 47 9.47 38.25 22.33
C THR A 47 9.30 38.13 20.82
N LYS A 48 10.00 37.17 20.23
CA LYS A 48 9.80 36.87 18.82
C LYS A 48 9.11 35.52 18.63
N TYR A 49 8.85 34.81 19.73
CA TYR A 49 8.18 33.52 19.66
C TYR A 49 6.71 33.61 20.06
N PHE A 50 5.85 33.09 19.19
CA PHE A 50 4.42 33.05 19.44
C PHE A 50 3.90 31.65 19.15
N ASP A 51 2.96 31.18 19.96
CA ASP A 51 2.29 29.90 19.67
C ASP A 51 1.36 30.06 18.45
N ILE A 52 0.72 28.98 18.03
CA ILE A 52 -0.01 29.01 16.76
C ILE A 52 -1.26 29.88 16.84
N TYR A 53 -1.67 30.22 18.04
CA TYR A 53 -2.82 31.09 18.27
C TYR A 53 -2.43 32.56 18.44
N GLY A 54 -1.13 32.85 18.31
CA GLY A 54 -0.64 34.22 18.44
C GLY A 54 -0.39 34.66 19.87
N LYS A 55 -0.32 33.71 20.81
CA LYS A 55 0.04 34.03 22.18
C LYS A 55 1.57 34.00 22.37
N PRO A 56 2.13 35.02 23.07
CA PRO A 56 3.58 35.17 23.24
C PRO A 56 4.19 34.08 24.11
N CYS A 57 5.41 33.68 23.75
CA CYS A 57 6.12 32.62 24.43
C CYS A 57 7.55 33.04 24.76
N THR A 58 8.07 32.52 25.88
CA THR A 58 9.47 32.70 26.22
C THR A 58 10.22 31.40 25.93
N ARG A 59 11.41 31.52 25.36
CA ARG A 59 12.21 30.34 25.05
C ARG A 59 13.02 29.94 26.27
N LYS A 60 13.01 28.64 26.57
CA LYS A 60 13.81 28.11 27.65
C LYS A 60 14.91 27.23 27.10
N LEU A 61 16.15 27.64 27.32
CA LEU A 61 17.32 26.90 26.87
C LEU A 61 17.82 26.04 28.01
N PHE A 62 17.94 24.74 27.76
CA PHE A 62 18.33 23.79 28.79
C PHE A 62 19.78 23.36 28.64
N ALA A 63 20.46 23.15 29.77
CA ALA A 63 21.83 22.66 29.77
C ALA A 63 21.96 21.32 29.04
N ASN A 64 20.89 20.53 29.04
CA ASN A 64 20.88 19.23 28.38
C ASN A 64 19.46 18.71 28.17
N MET A 65 19.35 17.64 27.39
CA MET A 65 18.07 17.08 27.01
C MET A 65 17.30 16.47 28.17
N ARG A 66 18.04 15.90 29.13
CA ARG A 66 17.42 15.34 30.32
C ARG A 66 16.79 16.43 31.19
N ASP A 67 17.44 17.59 31.27
CA ASP A 67 16.86 18.75 31.94
C ASP A 67 15.55 19.18 31.28
N ALA A 68 15.55 19.21 29.95
CA ALA A 68 14.33 19.55 29.20
C ALA A 68 13.20 18.55 29.46
N SER A 69 13.53 17.26 29.46
CA SER A 69 12.56 16.20 29.76
C SER A 69 12.00 16.31 31.18
N GLN A 70 12.87 16.60 32.14
CA GLN A 70 12.43 16.78 33.53
C GLN A 70 11.55 18.00 33.71
N TRP A 71 11.82 19.03 32.90
CA TRP A 71 11.04 20.26 32.93
C TRP A 71 9.62 19.99 32.45
N ILE A 72 9.50 19.23 31.35
CA ILE A 72 8.20 18.84 30.82
C ILE A 72 7.37 18.19 31.93
N LYS A 73 7.99 17.25 32.66
CA LYS A 73 7.31 16.57 33.77
C LYS A 73 6.85 17.52 34.88
N ARG A 74 7.73 18.42 35.31
CA ARG A 74 7.37 19.39 36.33
C ARG A 74 6.25 20.33 35.87
N MET A 75 6.25 20.67 34.59
CA MET A 75 5.17 21.48 34.01
C MET A 75 3.82 20.75 34.04
N GLU A 76 3.85 19.43 33.88
CA GLU A 76 2.65 18.62 34.05
C GLU A 76 2.20 18.65 35.52
N ASP A 77 3.16 18.50 36.45
CA ASP A 77 2.89 18.58 37.89
C ASP A 77 2.27 19.91 38.33
N ILE A 78 2.72 21.01 37.73
CA ILE A 78 2.15 22.33 37.98
C ILE A 78 0.81 22.48 37.27
N GLY A 79 0.69 21.82 36.12
CA GLY A 79 -0.52 21.88 35.31
C GLY A 79 -0.47 23.01 34.30
N LEU A 80 0.69 23.16 33.66
CA LEU A 80 0.91 24.21 32.66
C LEU A 80 1.45 23.59 31.37
N GLU A 81 1.06 24.18 30.24
CA GLU A 81 1.50 23.68 28.95
C GLU A 81 3.00 23.86 28.74
N ALA A 82 3.68 22.77 28.40
CA ALA A 82 5.08 22.80 28.02
C ALA A 82 5.16 22.72 26.50
N LEU A 83 5.39 23.86 25.86
CA LEU A 83 5.32 23.97 24.38
C LEU A 83 6.65 23.63 23.69
N GLY A 84 6.58 23.29 22.40
CA GLY A 84 7.77 23.00 21.61
C GLY A 84 8.00 21.54 21.27
N MET A 85 9.01 21.29 20.45
CA MET A 85 9.31 19.94 19.98
C MET A 85 9.99 19.13 21.07
N ASP A 86 9.25 18.18 21.61
CA ASP A 86 9.71 17.31 22.71
C ASP A 86 10.52 16.10 22.23
N ASP A 87 10.46 15.81 20.93
CA ASP A 87 11.37 14.83 20.32
C ASP A 87 12.62 15.57 19.87
N PHE A 88 13.63 15.58 20.74
CA PHE A 88 14.80 16.43 20.57
C PHE A 88 15.63 16.17 19.32
N LYS A 89 15.65 14.92 18.85
CA LYS A 89 16.39 14.65 17.61
C LYS A 89 15.77 15.33 16.37
N LEU A 90 14.45 15.47 16.36
CA LEU A 90 13.78 16.22 15.30
C LEU A 90 14.14 17.70 15.39
N ALA A 91 14.25 18.22 16.61
CA ALA A 91 14.68 19.60 16.82
C ALA A 91 16.13 19.79 16.40
N TYR A 92 16.98 18.81 16.72
CA TYR A 92 18.36 18.79 16.25
C TYR A 92 18.47 18.86 14.73
N LEU A 93 17.69 18.02 14.03
CA LEU A 93 17.72 17.99 12.56
C LEU A 93 17.25 19.31 11.99
N SER A 94 16.23 19.88 12.62
CA SER A 94 15.70 21.17 12.20
C SER A 94 16.73 22.30 12.31
N ASP A 95 17.50 22.29 13.41
CA ASP A 95 18.57 23.26 13.61
C ASP A 95 19.76 23.02 12.69
N THR A 96 20.08 21.75 12.47
CA THR A 96 21.28 21.37 11.71
C THR A 96 21.07 21.42 10.19
N TYR A 97 19.86 21.15 9.73
CA TYR A 97 19.56 21.15 8.29
C TYR A 97 18.44 22.13 7.99
N ASN A 98 18.76 23.41 8.16
CA ASN A 98 17.76 24.46 8.01
C ASN A 98 17.64 24.92 6.56
N TYR A 99 17.47 23.95 5.68
CA TYR A 99 17.25 24.18 4.25
C TYR A 99 16.52 22.97 3.69
N GLU A 100 15.98 23.09 2.47
CA GLU A 100 15.42 21.94 1.77
C GLU A 100 16.55 20.97 1.50
N ILE A 101 16.47 19.78 2.09
CA ILE A 101 17.53 18.78 1.94
C ILE A 101 17.57 18.21 0.52
N LYS A 102 18.76 18.29 -0.08
CA LYS A 102 19.03 17.68 -1.37
C LYS A 102 19.98 16.52 -1.12
N TYR A 103 19.47 15.29 -1.19
CA TYR A 103 20.28 14.13 -0.86
C TYR A 103 20.79 13.42 -2.10
N ASP A 104 21.86 12.65 -1.90
CA ASP A 104 22.47 11.88 -2.97
C ASP A 104 22.45 10.41 -2.56
N HIS A 105 21.51 9.66 -3.11
CA HIS A 105 21.31 8.25 -2.75
C HIS A 105 22.57 7.38 -2.94
N THR A 106 23.43 7.76 -3.88
CA THR A 106 24.65 6.99 -4.17
C THR A 106 25.65 7.04 -3.01
N LYS A 107 25.42 7.95 -2.06
CA LYS A 107 26.26 8.04 -0.85
C LYS A 107 25.66 7.34 0.36
N ILE A 108 24.42 6.87 0.22
CA ILE A 108 23.74 6.21 1.32
C ILE A 108 23.94 4.72 1.17
N ARG A 109 24.53 4.10 2.19
CA ARG A 109 24.78 2.68 2.16
C ARG A 109 23.50 1.91 2.45
N VAL A 110 22.95 1.28 1.42
CA VAL A 110 21.77 0.45 1.58
C VAL A 110 22.15 -1.01 1.62
N ALA A 111 21.87 -1.66 2.73
CA ALA A 111 22.19 -3.07 2.87
C ALA A 111 20.93 -3.92 2.80
N ASN A 112 21.02 -5.01 2.04
CA ASN A 112 19.92 -5.94 1.83
C ASN A 112 20.51 -7.29 2.18
N PHE A 113 20.04 -7.91 3.26
CA PHE A 113 20.60 -9.20 3.66
C PHE A 113 19.55 -10.27 3.95
N ASP A 114 20.00 -11.52 4.03
CA ASP A 114 19.13 -12.66 4.34
C ASP A 114 20.02 -13.74 4.93
N ILE A 115 19.51 -14.44 5.94
CA ILE A 115 20.30 -15.48 6.60
C ILE A 115 19.62 -16.84 6.45
N GLU A 116 20.40 -17.90 6.54
CA GLU A 116 19.87 -19.25 6.59
C GLU A 116 20.26 -19.85 7.93
N VAL A 117 19.35 -20.67 8.47
CA VAL A 117 19.52 -21.36 9.74
C VAL A 117 18.89 -22.75 9.64
N THR A 118 19.72 -23.78 9.64
CA THR A 118 19.24 -25.17 9.60
C THR A 118 18.73 -25.55 10.97
N SER A 119 17.48 -26.02 11.01
CA SER A 119 16.82 -26.40 12.26
C SER A 119 15.97 -27.66 12.08
N PRO A 120 16.36 -28.78 12.72
CA PRO A 120 15.54 -30.00 12.67
C PRO A 120 14.25 -29.93 13.49
N ASP A 121 14.30 -29.26 14.64
CA ASP A 121 13.16 -29.24 15.56
C ASP A 121 12.18 -28.08 15.35
N GLY A 122 11.92 -27.75 14.08
CA GLY A 122 10.90 -26.76 13.75
C GLY A 122 11.47 -25.38 13.46
N PHE A 123 10.63 -24.36 13.58
CA PHE A 123 11.01 -22.99 13.28
C PHE A 123 12.06 -22.46 14.28
N PRO A 124 13.18 -21.94 13.75
CA PRO A 124 14.26 -21.41 14.60
C PRO A 124 13.91 -20.07 15.24
N GLU A 125 13.48 -20.10 16.50
CA GLU A 125 13.06 -18.88 17.21
C GLU A 125 14.19 -17.87 17.36
N PRO A 126 14.00 -16.66 16.81
CA PRO A 126 15.03 -15.61 16.91
C PRO A 126 15.41 -15.25 18.36
N SER A 127 14.47 -15.37 19.30
CA SER A 127 14.74 -15.03 20.69
C SER A 127 15.59 -16.10 21.42
N GLN A 128 15.56 -17.32 20.91
CA GLN A 128 16.37 -18.42 21.44
CA GLN A 128 16.38 -18.39 21.47
C GLN A 128 17.71 -18.53 20.72
N ALA A 129 17.66 -18.40 19.39
CA ALA A 129 18.83 -18.54 18.52
C ALA A 129 19.73 -19.73 18.88
N LYS A 130 19.12 -20.91 18.97
CA LYS A 130 19.83 -22.10 19.46
C LYS A 130 20.57 -22.85 18.36
N HIS A 131 20.31 -22.48 17.11
CA HIS A 131 20.92 -23.14 15.95
C HIS A 131 21.94 -22.25 15.22
N PRO A 132 23.01 -22.85 14.69
CA PRO A 132 24.02 -22.07 13.96
C PRO A 132 23.46 -21.30 12.76
N ILE A 133 23.95 -20.08 12.55
CA ILE A 133 23.71 -19.37 11.30
C ILE A 133 24.67 -19.99 10.29
N ASP A 134 24.15 -20.57 9.21
CA ASP A 134 25.03 -21.30 8.27
C ASP A 134 25.19 -20.66 6.90
N ALA A 135 24.50 -19.54 6.70
CA ALA A 135 24.68 -18.70 5.50
C ALA A 135 24.19 -17.30 5.77
N ILE A 136 24.99 -16.32 5.33
CA ILE A 136 24.56 -14.93 5.22
C ILE A 136 24.90 -14.38 3.83
N THR A 137 23.91 -13.81 3.15
CA THR A 137 24.17 -13.02 1.95
C THR A 137 23.79 -11.58 2.25
N HIS A 138 24.74 -10.67 2.01
CA HIS A 138 24.61 -9.27 2.37
C HIS A 138 25.03 -8.43 1.16
N TYR A 139 24.03 -7.84 0.50
CA TYR A 139 24.28 -6.96 -0.64
C TYR A 139 24.53 -5.53 -0.17
N ASP A 140 25.57 -4.91 -0.73
CA ASP A 140 25.94 -3.55 -0.38
C ASP A 140 25.72 -2.65 -1.60
N SER A 141 24.89 -1.61 -1.44
CA SER A 141 24.55 -0.74 -2.56
C SER A 141 25.72 0.12 -3.02
N ILE A 142 26.63 0.46 -2.11
CA ILE A 142 27.81 1.26 -2.48
C ILE A 142 28.85 0.42 -3.26
N ASP A 143 29.12 -0.80 -2.81
CA ASP A 143 30.04 -1.68 -3.54
C ASP A 143 29.39 -2.34 -4.74
N ASP A 144 28.05 -2.39 -4.74
CA ASP A 144 27.29 -3.16 -5.71
C ASP A 144 27.80 -4.61 -5.69
N ARG A 145 27.91 -5.18 -4.49
CA ARG A 145 28.43 -6.54 -4.35
C ARG A 145 27.59 -7.38 -3.42
N PHE A 146 27.47 -8.67 -3.72
CA PHE A 146 26.81 -9.61 -2.82
C PHE A 146 27.88 -10.32 -2.03
N TYR A 147 27.91 -10.07 -0.73
CA TYR A 147 28.90 -10.71 0.13
C TYR A 147 28.29 -11.95 0.74
N VAL A 148 28.89 -13.09 0.44
CA VAL A 148 28.33 -14.40 0.80
C VAL A 148 29.22 -15.08 1.86
N PHE A 149 28.66 -15.22 3.05
CA PHE A 149 29.34 -15.86 4.19
C PHE A 149 28.75 -17.27 4.34
N ASP A 150 29.57 -18.28 4.04
CA ASP A 150 29.11 -19.67 3.93
C ASP A 150 29.75 -20.57 5.00
N LEU A 151 28.91 -21.19 5.83
CA LEU A 151 29.39 -22.08 6.89
C LEU A 151 29.55 -23.50 6.39
N LEU A 152 30.80 -23.95 6.30
CA LEU A 152 31.07 -25.28 5.74
C LEU A 152 31.00 -26.39 6.78
N ASN A 153 31.22 -26.03 8.04
CA ASN A 153 31.27 -27.01 9.13
C ASN A 153 30.27 -26.67 10.23
N SER A 154 29.34 -27.59 10.45
CA SER A 154 28.22 -27.40 11.36
C SER A 154 27.97 -28.69 12.12
N PRO A 155 27.33 -28.61 13.31
CA PRO A 155 26.79 -29.81 13.95
C PRO A 155 25.73 -30.53 13.11
N TYR A 156 25.13 -29.84 12.13
CA TYR A 156 24.11 -30.45 11.27
C TYR A 156 24.66 -30.88 9.91
N GLY A 157 26.00 -30.91 9.80
CA GLY A 157 26.65 -31.44 8.60
C GLY A 157 27.85 -30.64 8.13
N ASN A 158 28.86 -31.34 7.64
CA ASN A 158 29.97 -30.71 6.94
C ASN A 158 29.75 -30.81 5.45
N VAL A 159 29.99 -29.71 4.75
CA VAL A 159 29.68 -29.61 3.33
C VAL A 159 30.86 -29.10 2.52
N GLU A 160 30.76 -29.23 1.19
CA GLU A 160 31.76 -28.69 0.28
C GLU A 160 31.45 -27.23 0.01
N GLU A 161 32.45 -26.49 -0.49
CA GLU A 161 32.24 -25.11 -0.94
C GLU A 161 31.16 -25.02 -1.99
N TRP A 162 30.47 -23.88 -2.01
CA TRP A 162 29.58 -23.52 -3.08
C TRP A 162 30.42 -23.23 -4.32
N SER A 163 29.93 -23.63 -5.47
CA SER A 163 30.63 -23.39 -6.74
C SER A 163 29.91 -22.34 -7.55
N ILE A 164 30.59 -21.24 -7.85
CA ILE A 164 30.02 -20.16 -8.67
C ILE A 164 29.74 -20.64 -10.10
N GLU A 165 30.55 -21.61 -10.55
CA GLU A 165 30.44 -22.14 -11.91
C GLU A 165 29.15 -22.92 -12.09
N ILE A 166 28.81 -23.74 -11.09
CA ILE A 166 27.58 -24.52 -11.15
C ILE A 166 26.37 -23.60 -10.91
N ALA A 167 26.54 -22.64 -10.01
CA ALA A 167 25.48 -21.67 -9.68
C ALA A 167 25.00 -20.90 -10.91
N ALA A 168 25.94 -20.62 -11.81
CA ALA A 168 25.67 -19.89 -13.06
C ALA A 168 24.99 -20.74 -14.12
N LYS A 169 25.17 -22.06 -14.06
CA LYS A 169 24.63 -22.95 -15.10
C LYS A 169 23.11 -22.97 -15.11
N LEU A 170 22.52 -23.26 -16.27
CA LEU A 170 21.08 -23.49 -16.37
C LEU A 170 20.64 -24.65 -15.49
N GLN A 171 19.39 -24.64 -15.04
CA GLN A 171 18.85 -25.76 -14.26
C GLN A 171 18.85 -27.05 -15.08
N GLU A 172 18.76 -26.91 -16.41
CA GLU A 172 18.82 -28.04 -17.32
C GLU A 172 20.22 -28.63 -17.43
N GLN A 173 21.21 -27.93 -16.89
CA GLN A 173 22.60 -28.43 -16.83
C GLN A 173 22.96 -28.93 -15.43
N GLY A 174 22.01 -28.80 -14.50
CA GLY A 174 22.24 -29.19 -13.10
C GLY A 174 22.58 -27.99 -12.24
N GLY A 175 22.54 -26.81 -12.86
CA GLY A 175 22.92 -25.58 -12.19
C GLY A 175 21.77 -24.92 -11.46
N ASP A 176 22.04 -23.73 -10.91
CA ASP A 176 21.05 -23.05 -10.09
C ASP A 176 20.43 -21.84 -10.76
N GLU A 177 20.88 -21.51 -11.97
CA GLU A 177 20.42 -20.33 -12.71
C GLU A 177 20.47 -19.04 -11.91
N VAL A 178 21.58 -18.82 -11.20
CA VAL A 178 21.82 -17.52 -10.57
C VAL A 178 22.00 -16.54 -11.74
N PRO A 179 21.21 -15.45 -11.76
CA PRO A 179 21.16 -14.55 -12.91
C PRO A 179 22.54 -14.05 -13.28
N SER A 180 22.89 -14.18 -14.55
CA SER A 180 24.23 -13.84 -15.03
C SER A 180 24.64 -12.39 -14.73
N GLU A 181 23.67 -11.49 -14.60
CA GLU A 181 23.98 -10.09 -14.32
C GLU A 181 24.51 -9.83 -12.90
N ILE A 182 24.43 -10.83 -12.02
CA ILE A 182 24.99 -10.69 -10.67
C ILE A 182 26.17 -11.64 -10.39
N ILE A 183 26.43 -12.56 -11.31
CA ILE A 183 27.49 -13.57 -11.08
C ILE A 183 28.84 -12.90 -10.76
N ASP A 184 29.19 -11.86 -11.51
CA ASP A 184 30.45 -11.16 -11.31
C ASP A 184 30.46 -10.29 -10.06
N LYS A 185 29.29 -10.10 -9.44
CA LYS A 185 29.16 -9.21 -8.28
C LYS A 185 29.18 -9.97 -6.95
N ILE A 186 29.46 -11.27 -7.04
CA ILE A 186 29.42 -12.13 -5.87
C ILE A 186 30.82 -12.28 -5.28
N ILE A 187 30.92 -12.00 -3.99
CA ILE A 187 32.17 -12.18 -3.27
C ILE A 187 31.90 -13.28 -2.26
N TYR A 188 32.51 -14.44 -2.50
CA TYR A 188 32.20 -15.65 -1.75
C TYR A 188 33.26 -15.94 -0.70
N MET A 189 32.82 -16.10 0.55
CA MET A 189 33.72 -16.38 1.66
C MET A 189 33.26 -17.61 2.46
N PRO A 190 33.95 -18.75 2.27
CA PRO A 190 33.59 -19.93 3.07
C PRO A 190 34.27 -19.93 4.45
N PHE A 191 33.66 -20.57 5.43
CA PHE A 191 34.18 -20.60 6.81
C PHE A 191 34.11 -22.00 7.38
N ASP A 192 35.18 -22.44 8.04
CA ASP A 192 35.17 -23.79 8.59
C ASP A 192 34.60 -23.85 10.02
N ASN A 193 34.19 -22.70 10.55
CA ASN A 193 33.45 -22.66 11.83
C ASN A 193 32.61 -21.40 12.00
N GLU A 194 31.51 -21.52 12.73
CA GLU A 194 30.54 -20.42 12.89
C GLU A 194 31.10 -19.17 13.60
N LYS A 195 32.01 -19.38 14.54
CA LYS A 195 32.58 -18.28 15.29
C LYS A 195 33.38 -17.33 14.40
N GLU A 196 34.19 -17.87 13.48
CA GLU A 196 34.97 -17.01 12.58
C GLU A 196 34.06 -16.35 11.54
N LEU A 197 33.02 -17.05 11.12
CA LEU A 197 32.02 -16.49 10.20
C LEU A 197 31.39 -15.23 10.81
N LEU A 198 30.87 -15.37 12.02
CA LEU A 198 30.21 -14.26 12.70
C LEU A 198 31.17 -13.13 13.05
N MET A 199 32.37 -13.48 13.49
CA MET A 199 33.41 -12.48 13.77
C MET A 199 33.78 -11.68 12.53
N GLU A 200 33.98 -12.37 11.41
CA GLU A 200 34.27 -11.71 10.15
C GLU A 200 33.09 -10.86 9.67
N TYR A 201 31.88 -11.39 9.80
CA TYR A 201 30.66 -10.63 9.48
C TYR A 201 30.61 -9.30 10.22
N LEU A 202 30.91 -9.33 11.52
CA LEU A 202 30.90 -8.12 12.33
C LEU A 202 31.99 -7.12 11.93
N ASN A 203 33.16 -7.64 11.53
CA ASN A 203 34.25 -6.79 11.05
C ASN A 203 33.87 -6.15 9.73
N PHE A 204 33.23 -6.94 8.88
CA PHE A 204 32.69 -6.49 7.62
C PHE A 204 31.64 -5.39 7.88
N TRP A 205 30.71 -5.66 8.81
CA TRP A 205 29.63 -4.73 9.18
C TRP A 205 30.19 -3.39 9.65
N GLN A 206 31.22 -3.47 10.49
CA GLN A 206 31.94 -2.29 10.98
C GLN A 206 32.52 -1.47 9.84
N GLN A 207 33.10 -2.15 8.84
CA GLN A 207 33.68 -1.46 7.68
C GLN A 207 32.62 -0.88 6.76
N LYS A 208 31.52 -1.61 6.61
CA LYS A 208 30.44 -1.20 5.71
C LYS A 208 29.15 -1.18 6.51
N THR A 209 29.02 -0.21 7.41
CA THR A 209 27.89 -0.14 8.32
C THR A 209 26.66 0.36 7.57
N PRO A 210 25.60 -0.46 7.55
CA PRO A 210 24.37 -0.07 6.85
C PRO A 210 23.80 1.22 7.41
N VAL A 211 23.30 2.07 6.52
CA VAL A 211 22.47 3.19 6.92
C VAL A 211 21.01 2.75 6.80
N ILE A 212 20.59 2.37 5.59
CA ILE A 212 19.31 1.71 5.39
C ILE A 212 19.54 0.22 5.40
N LEU A 213 18.81 -0.47 6.27
CA LEU A 213 18.93 -1.91 6.36
C LEU A 213 17.59 -2.52 6.00
N THR A 214 17.60 -3.31 4.94
CA THR A 214 16.37 -3.92 4.47
C THR A 214 16.57 -5.40 4.12
N GLY A 215 15.52 -6.00 3.58
CA GLY A 215 15.50 -7.42 3.23
C GLY A 215 14.08 -7.89 3.47
N TRP A 216 13.89 -9.20 3.52
CA TRP A 216 12.55 -9.74 3.67
C TRP A 216 12.36 -10.37 5.05
N ASN A 217 11.51 -9.76 5.88
CA ASN A 217 11.32 -10.18 7.27
C ASN A 217 12.58 -10.04 8.11
N VAL A 218 13.43 -9.07 7.78
CA VAL A 218 14.69 -8.90 8.49
C VAL A 218 14.47 -8.37 9.90
N GLU A 219 13.42 -7.55 10.08
CA GLU A 219 13.14 -6.98 11.40
C GLU A 219 12.59 -8.03 12.38
N SER A 220 11.77 -8.94 11.88
CA SER A 220 11.20 -9.97 12.75
C SER A 220 12.05 -11.24 12.85
N PHE A 221 12.83 -11.54 11.81
CA PHE A 221 13.68 -12.74 11.83
C PHE A 221 15.20 -12.49 11.78
N ALA A 222 15.69 -12.01 10.64
CA ALA A 222 17.13 -11.93 10.38
C ALA A 222 17.90 -11.14 11.44
N ILE A 223 17.42 -9.94 11.76
CA ILE A 223 18.11 -9.08 12.72
C ILE A 223 18.11 -9.69 14.13
N PRO A 224 16.92 -10.04 14.68
CA PRO A 224 16.89 -10.63 16.03
C PRO A 224 17.65 -11.95 16.11
N TYR A 225 17.62 -12.76 15.06
CA TYR A 225 18.38 -14.02 15.07
C TYR A 225 19.90 -13.78 15.14
N VAL A 226 20.39 -12.92 14.25
CA VAL A 226 21.82 -12.56 14.22
C VAL A 226 22.26 -11.99 15.56
N TYR A 227 21.51 -11.00 16.05
CA TYR A 227 21.82 -10.36 17.31
C TYR A 227 21.89 -11.36 18.47
N ASN A 228 20.86 -12.22 18.58
CA ASN A 228 20.78 -13.16 19.69
C ASN A 228 21.78 -14.30 19.59
N ARG A 229 22.08 -14.71 18.37
CA ARG A 229 23.07 -15.76 18.14
C ARG A 229 24.46 -15.28 18.52
N ILE A 230 24.80 -14.06 18.10
CA ILE A 230 26.07 -13.47 18.49
C ILE A 230 26.11 -13.27 20.02
N LYS A 231 25.01 -12.78 20.57
CA LYS A 231 24.87 -12.66 22.04
C LYS A 231 25.11 -13.99 22.78
N ASN A 232 24.48 -15.07 22.32
CA ASN A 232 24.65 -16.38 22.94
C ASN A 232 26.08 -16.88 22.90
N ILE A 233 26.75 -16.63 21.78
CA ILE A 233 28.10 -17.13 21.54
C ILE A 233 29.17 -16.26 22.19
N PHE A 234 29.05 -14.93 22.02
CA PHE A 234 30.12 -14.01 22.42
C PHE A 234 29.80 -13.13 23.62
N GLY A 235 28.51 -12.96 23.92
CA GLY A 235 28.08 -12.00 24.95
C GLY A 235 27.46 -10.77 24.30
N GLU A 236 26.79 -9.95 25.12
CA GLU A 236 26.04 -8.77 24.67
C GLU A 236 26.87 -7.70 23.97
N SER A 237 28.04 -7.36 24.54
CA SER A 237 28.86 -6.27 24.00
C SER A 237 29.25 -6.51 22.55
N THR A 238 29.52 -7.78 22.22
CA THR A 238 29.84 -8.14 20.84
C THR A 238 28.61 -7.99 19.93
N ALA A 239 27.45 -8.43 20.41
CA ALA A 239 26.21 -8.32 19.63
C ALA A 239 25.85 -6.87 19.34
N LYS A 240 26.16 -5.98 20.28
CA LYS A 240 25.88 -4.56 20.14
C LYS A 240 26.71 -3.85 19.07
N ARG A 241 27.71 -4.53 18.54
CA ARG A 241 28.52 -3.99 17.43
C ARG A 241 27.73 -3.84 16.13
N LEU A 242 26.54 -4.46 16.06
CA LEU A 242 25.59 -4.23 14.97
C LEU A 242 25.06 -2.79 14.95
N SER A 243 25.13 -2.13 16.11
CA SER A 243 24.88 -0.70 16.21
C SER A 243 26.18 0.10 16.10
N PRO A 244 26.22 1.12 15.22
CA PRO A 244 27.45 1.92 15.13
C PRO A 244 27.71 2.71 16.41
N HIS A 245 26.70 2.85 17.26
CA HIS A 245 26.88 3.55 18.53
C HIS A 245 26.91 2.59 19.71
N ARG A 246 27.02 1.29 19.40
CA ARG A 246 27.02 0.22 20.40
C ARG A 246 25.83 0.24 21.36
N LYS A 247 24.72 0.80 20.93
CA LYS A 247 23.51 0.79 21.74
C LYS A 247 22.38 0.07 21.03
N THR A 248 21.73 -0.83 21.76
CA THR A 248 20.55 -1.53 21.26
C THR A 248 19.48 -1.58 22.35
N ARG A 249 18.27 -1.89 21.94
CA ARG A 249 17.18 -2.06 22.87
C ARG A 249 16.25 -3.15 22.34
N VAL A 250 15.87 -4.07 23.22
CA VAL A 250 14.84 -5.04 22.88
C VAL A 250 13.50 -4.33 22.98
N LYS A 251 12.88 -4.09 21.82
CA LYS A 251 11.62 -3.36 21.76
C LYS A 251 10.43 -4.30 21.71
N VAL A 252 9.48 -4.07 22.60
CA VAL A 252 8.23 -4.80 22.65
C VAL A 252 7.24 -4.19 21.65
N ILE A 253 6.77 -5.01 20.72
CA ILE A 253 5.76 -4.60 19.74
C ILE A 253 4.38 -5.12 20.18
N GLU A 254 3.54 -4.21 20.67
CA GLU A 254 2.23 -4.54 21.20
C GLU A 254 1.10 -4.28 20.19
N ASN A 255 0.45 -5.34 19.75
CA ASN A 255 -0.78 -5.20 18.96
C ASN A 255 -2.03 -5.44 19.82
N MET A 256 -3.08 -5.97 19.20
CA MET A 256 -4.36 -6.20 19.87
C MET A 256 -4.35 -7.45 20.77
N TYR A 257 -3.74 -8.53 20.28
CA TYR A 257 -3.83 -9.84 20.95
C TYR A 257 -2.48 -10.47 21.32
N GLY A 258 -1.56 -9.66 21.83
CA GLY A 258 -0.25 -10.15 22.25
C GLY A 258 0.90 -9.24 21.84
N SER A 259 2.13 -9.77 21.93
CA SER A 259 3.33 -9.00 21.60
C SER A 259 4.50 -9.84 21.11
N ARG A 260 5.37 -9.21 20.33
CA ARG A 260 6.63 -9.81 19.84
C ARG A 260 7.79 -8.85 20.08
N GLU A 261 9.03 -9.37 20.05
CA GLU A 261 10.21 -8.55 20.37
C GLU A 261 11.16 -8.33 19.19
N ILE A 262 11.41 -7.06 18.90
CA ILE A 262 12.37 -6.68 17.87
C ILE A 262 13.59 -6.03 18.52
N ILE A 263 14.70 -5.99 17.80
CA ILE A 263 15.90 -5.38 18.32
C ILE A 263 16.09 -4.03 17.63
N THR A 264 16.09 -2.98 18.43
CA THR A 264 16.37 -1.66 17.89
C THR A 264 17.88 -1.44 17.89
N LEU A 265 18.41 -1.19 16.71
CA LEU A 265 19.82 -0.89 16.52
C LEU A 265 19.97 0.62 16.37
N PHE A 266 20.49 1.28 17.41
CA PHE A 266 20.70 2.72 17.32
C PHE A 266 21.69 3.03 16.21
N GLY A 267 21.35 4.04 15.41
CA GLY A 267 22.22 4.49 14.33
C GLY A 267 22.06 3.73 13.02
N ILE A 268 21.06 2.84 12.97
CA ILE A 268 20.67 2.13 11.75
C ILE A 268 19.20 2.46 11.46
N SER A 269 18.84 2.54 10.18
CA SER A 269 17.44 2.71 9.79
C SER A 269 16.92 1.44 9.14
N VAL A 270 16.17 0.67 9.92
CA VAL A 270 15.63 -0.59 9.44
C VAL A 270 14.32 -0.35 8.68
N LEU A 271 14.34 -0.64 7.37
CA LEU A 271 13.12 -0.62 6.57
C LEU A 271 12.92 -2.02 6.02
N ASP A 272 12.25 -2.86 6.79
CA ASP A 272 11.94 -4.21 6.36
C ASP A 272 11.10 -4.15 5.09
N TYR A 273 11.52 -4.82 4.03
CA TYR A 273 10.82 -4.72 2.74
C TYR A 273 9.39 -5.29 2.78
N ILE A 274 9.13 -6.27 3.63
CA ILE A 274 7.76 -6.78 3.78
C ILE A 274 6.85 -5.64 4.29
N ASP A 275 7.38 -4.81 5.18
CA ASP A 275 6.61 -3.74 5.80
C ASP A 275 6.43 -2.58 4.85
N LEU A 276 7.48 -2.24 4.10
CA LEU A 276 7.36 -1.30 2.99
C LEU A 276 6.30 -1.78 2.00
N TYR A 277 6.39 -3.04 1.60
CA TYR A 277 5.46 -3.61 0.64
C TYR A 277 4.02 -3.50 1.11
N LYS A 278 3.76 -3.86 2.37
CA LYS A 278 2.40 -3.82 2.90
C LYS A 278 1.86 -2.39 2.99
N LYS A 279 2.71 -1.44 3.36
CA LYS A 279 2.25 -0.06 3.49
C LYS A 279 2.05 0.64 2.15
N PHE A 280 2.93 0.38 1.18
CA PHE A 280 3.02 1.22 -0.03
C PHE A 280 2.58 0.57 -1.35
N SER A 281 2.40 -0.76 -1.35
CA SER A 281 2.07 -1.48 -2.58
C SER A 281 0.60 -1.43 -2.98
N PHE A 282 -0.29 -1.14 -2.01
CA PHE A 282 -1.74 -1.19 -2.20
C PHE A 282 -2.20 -2.49 -2.81
N THR A 283 -1.75 -3.58 -2.21
CA THR A 283 -2.22 -4.91 -2.51
C THR A 283 -2.63 -5.53 -1.18
N ASN A 284 -3.48 -6.54 -1.24
CA ASN A 284 -3.64 -7.46 -0.14
C ASN A 284 -3.39 -8.83 -0.74
N GLN A 285 -2.36 -9.50 -0.25
CA GLN A 285 -1.88 -10.74 -0.87
C GLN A 285 -2.33 -11.95 -0.06
N PRO A 286 -2.60 -13.08 -0.74
CA PRO A 286 -2.94 -14.32 -0.04
C PRO A 286 -1.79 -14.86 0.82
N SER A 287 -0.56 -14.50 0.47
CA SER A 287 0.64 -14.94 1.19
C SER A 287 1.71 -13.85 1.08
N TYR A 288 2.61 -13.77 2.05
CA TYR A 288 3.75 -12.83 1.98
C TYR A 288 5.11 -13.51 2.06
N SER A 289 5.18 -14.77 1.65
CA SER A 289 6.46 -15.43 1.43
C SER A 289 7.15 -14.74 0.25
N LEU A 290 8.48 -14.72 0.28
CA LEU A 290 9.21 -14.05 -0.79
C LEU A 290 8.96 -14.68 -2.16
N ASP A 291 8.86 -16.02 -2.20
CA ASP A 291 8.55 -16.73 -3.43
C ASP A 291 7.24 -16.27 -4.04
N TYR A 292 6.25 -16.08 -3.19
CA TYR A 292 4.91 -15.70 -3.65
C TYR A 292 4.91 -14.27 -4.18
N ILE A 293 5.51 -13.35 -3.42
CA ILE A 293 5.55 -11.94 -3.83
C ILE A 293 6.42 -11.75 -5.07
N SER A 294 7.54 -12.48 -5.14
CA SER A 294 8.43 -12.45 -6.30
C SER A 294 7.72 -12.89 -7.56
N GLU A 295 6.99 -14.00 -7.49
CA GLU A 295 6.22 -14.49 -8.62
C GLU A 295 5.19 -13.44 -9.07
N PHE A 296 4.51 -12.84 -8.11
CA PHE A 296 3.49 -11.84 -8.41
C PHE A 296 4.07 -10.57 -9.04
N GLU A 297 5.18 -10.09 -8.49
CA GLU A 297 5.76 -8.82 -8.93
C GLU A 297 6.62 -8.94 -10.17
N LEU A 298 7.35 -10.03 -10.29
CA LEU A 298 8.41 -10.17 -11.31
C LEU A 298 8.13 -11.28 -12.29
N ASN A 299 7.12 -12.10 -12.00
CA ASN A 299 6.77 -13.25 -12.82
C ASN A 299 7.92 -14.26 -12.94
N VAL A 300 8.75 -14.33 -11.90
CA VAL A 300 9.83 -15.30 -11.82
C VAL A 300 9.31 -16.58 -11.18
N GLY A 301 9.87 -17.72 -11.61
CA GLY A 301 9.42 -19.02 -11.14
C GLY A 301 9.89 -19.34 -9.73
N LYS A 302 9.04 -20.02 -8.97
CA LYS A 302 9.33 -20.45 -7.60
C LYS A 302 10.68 -21.18 -7.48
N LEU A 303 11.38 -20.92 -6.36
CA LEU A 303 12.65 -21.57 -6.05
C LEU A 303 12.45 -23.05 -5.70
N LYS A 304 12.82 -23.92 -6.64
CA LYS A 304 12.49 -25.35 -6.59
C LYS A 304 13.56 -26.19 -5.89
N TYR A 305 13.15 -26.94 -4.87
CA TYR A 305 14.02 -27.93 -4.23
C TYR A 305 13.25 -29.14 -3.69
N ASP A 306 13.94 -30.28 -3.60
CA ASP A 306 13.37 -31.48 -3.00
C ASP A 306 13.56 -31.49 -1.49
N GLY A 307 12.62 -32.14 -0.78
CA GLY A 307 12.71 -32.30 0.67
C GLY A 307 12.48 -31.03 1.48
N PRO A 308 12.42 -31.16 2.81
CA PRO A 308 12.23 -30.00 3.68
C PRO A 308 13.44 -29.07 3.68
N ILE A 309 13.21 -27.81 4.04
CA ILE A 309 14.27 -26.81 4.10
C ILE A 309 15.32 -27.19 5.16
N SER A 310 14.89 -27.94 6.17
CA SER A 310 15.76 -28.37 7.26
C SER A 310 16.76 -29.46 6.83
N LYS A 311 16.59 -29.99 5.62
CA LYS A 311 17.50 -30.99 5.09
C LYS A 311 18.18 -30.53 3.79
N LEU A 312 17.89 -29.30 3.37
CA LEU A 312 18.44 -28.79 2.11
C LEU A 312 19.95 -28.57 2.16
N ARG A 313 20.46 -28.04 3.26
CA ARG A 313 21.89 -27.78 3.36
C ARG A 313 22.70 -29.08 3.22
N GLU A 314 22.33 -30.13 3.95
CA GLU A 314 23.08 -31.39 3.89
C GLU A 314 22.90 -32.15 2.57
N SER A 315 21.69 -32.09 2.02
CA SER A 315 21.40 -32.82 0.78
C SER A 315 21.85 -32.08 -0.47
N ASN A 316 21.77 -30.75 -0.45
CA ASN A 316 22.12 -29.95 -1.63
C ASN A 316 22.56 -28.53 -1.25
N HIS A 317 23.75 -28.47 -0.65
CA HIS A 317 24.35 -27.24 -0.16
C HIS A 317 24.57 -26.25 -1.31
N GLN A 318 25.00 -26.76 -2.46
CA GLN A 318 25.11 -25.95 -3.67
C GLN A 318 23.86 -25.09 -3.90
N ARG A 319 22.69 -25.74 -3.95
CA ARG A 319 21.41 -25.06 -4.16
C ARG A 319 21.03 -24.21 -2.95
N TYR A 320 21.35 -24.70 -1.75
CA TYR A 320 21.11 -23.97 -0.51
C TYR A 320 21.68 -22.56 -0.58
N ILE A 321 22.96 -22.45 -0.92
CA ILE A 321 23.64 -21.15 -1.00
C ILE A 321 23.12 -20.33 -2.18
N SER A 322 22.98 -20.95 -3.35
CA SER A 322 22.47 -20.22 -4.50
C SER A 322 21.11 -19.59 -4.24
N TYR A 323 20.23 -20.32 -3.57
CA TYR A 323 18.88 -19.84 -3.27
C TYR A 323 18.90 -18.70 -2.27
N ASN A 324 19.87 -18.74 -1.35
CA ASN A 324 20.11 -17.64 -0.43
C ASN A 324 20.54 -16.37 -1.17
N ILE A 325 21.41 -16.50 -2.17
CA ILE A 325 21.84 -15.35 -2.99
C ILE A 325 20.66 -14.79 -3.80
N ILE A 326 19.90 -15.69 -4.44
CA ILE A 326 18.74 -15.28 -5.24
C ILE A 326 17.67 -14.56 -4.43
N ALA A 327 17.40 -15.04 -3.21
CA ALA A 327 16.45 -14.39 -2.31
C ALA A 327 16.78 -12.91 -2.04
N VAL A 328 18.06 -12.62 -1.79
CA VAL A 328 18.49 -11.23 -1.60
C VAL A 328 18.29 -10.41 -2.88
N TYR A 329 18.68 -11.01 -4.00
CA TYR A 329 18.51 -10.39 -5.30
C TYR A 329 17.05 -10.10 -5.64
N ARG A 330 16.15 -11.02 -5.30
CA ARG A 330 14.75 -10.81 -5.64
CA ARG A 330 14.71 -10.86 -5.59
C ARG A 330 14.18 -9.57 -4.97
N VAL A 331 14.59 -9.31 -3.73
CA VAL A 331 14.16 -8.10 -3.03
C VAL A 331 14.67 -6.85 -3.75
N LEU A 332 15.91 -6.89 -4.24
CA LEU A 332 16.47 -5.79 -5.05
C LEU A 332 15.68 -5.61 -6.35
N GLN A 333 15.26 -6.71 -6.95
CA GLN A 333 14.45 -6.66 -8.18
C GLN A 333 13.08 -6.07 -7.92
N ILE A 334 12.45 -6.46 -6.81
CA ILE A 334 11.18 -5.86 -6.41
C ILE A 334 11.35 -4.35 -6.20
N ASP A 335 12.42 -3.95 -5.52
CA ASP A 335 12.66 -2.54 -5.29
C ASP A 335 12.98 -1.77 -6.56
N ALA A 336 13.70 -2.40 -7.48
CA ALA A 336 13.96 -1.80 -8.79
C ALA A 336 12.64 -1.45 -9.48
N LYS A 337 11.65 -2.32 -9.35
CA LYS A 337 10.31 -2.10 -9.90
C LYS A 337 9.46 -1.10 -9.08
N ARG A 338 9.29 -1.39 -7.80
CA ARG A 338 8.36 -0.66 -6.93
C ARG A 338 8.92 0.65 -6.38
N GLN A 339 10.23 0.66 -6.12
CA GLN A 339 10.97 1.88 -5.73
C GLN A 339 10.54 2.47 -4.38
N PHE A 340 10.24 1.58 -3.43
CA PHE A 340 9.82 2.01 -2.08
C PHE A 340 10.95 2.58 -1.24
N ILE A 341 12.17 2.13 -1.51
CA ILE A 341 13.34 2.71 -0.83
C ILE A 341 13.48 4.19 -1.23
N ASN A 342 13.45 4.43 -2.53
CA ASN A 342 13.44 5.80 -3.09
C ASN A 342 12.37 6.67 -2.45
N LEU A 343 11.14 6.14 -2.39
CA LEU A 343 10.00 6.82 -1.79
C LEU A 343 10.27 7.17 -0.33
N SER A 344 10.80 6.20 0.41
CA SER A 344 11.09 6.38 1.84
C SER A 344 12.12 7.47 2.07
N LEU A 345 13.15 7.51 1.23
CA LEU A 345 14.19 8.53 1.32
C LEU A 345 13.63 9.91 0.95
N ASP A 346 12.86 9.99 -0.15
CA ASP A 346 12.14 11.22 -0.52
C ASP A 346 11.34 11.81 0.64
N MET A 347 10.41 11.02 1.19
CA MET A 347 9.57 11.42 2.32
C MET A 347 10.36 11.73 3.59
N GLY A 348 11.28 10.84 3.95
CA GLY A 348 12.09 11.01 5.16
C GLY A 348 12.86 12.32 5.17
N TYR A 349 13.51 12.63 4.05
CA TYR A 349 14.30 13.86 3.96
C TYR A 349 13.43 15.12 3.84
N TYR A 350 12.27 14.98 3.19
CA TYR A 350 11.33 16.08 3.09
C TYR A 350 10.85 16.52 4.48
N ALA A 351 10.45 15.55 5.29
CA ALA A 351 9.91 15.82 6.63
C ALA A 351 11.00 16.15 7.67
N LYS A 352 12.23 15.75 7.38
CA LYS A 352 13.37 15.79 8.33
C LYS A 352 13.12 14.88 9.54
N ILE A 353 12.93 13.60 9.24
CA ILE A 353 12.70 12.58 10.25
C ILE A 353 13.71 11.46 10.05
N GLN A 354 13.83 10.60 11.06
CA GLN A 354 14.50 9.32 10.89
C GLN A 354 13.81 8.63 9.73
N ILE A 355 14.59 8.06 8.81
CA ILE A 355 13.98 7.43 7.64
C ILE A 355 12.93 6.37 8.01
N GLN A 356 13.18 5.61 9.07
CA GLN A 356 12.24 4.55 9.47
C GLN A 356 10.87 5.11 9.93
N SER A 357 10.80 6.42 10.14
CA SER A 357 9.55 7.03 10.58
C SER A 357 8.52 7.27 9.46
N VAL A 358 8.90 6.99 8.21
CA VAL A 358 7.95 7.08 7.09
C VAL A 358 6.77 6.11 7.26
N PHE A 359 6.93 5.07 8.09
CA PHE A 359 5.82 4.17 8.39
C PHE A 359 4.73 4.86 9.20
N SER A 360 5.08 5.99 9.81
CA SER A 360 4.17 6.73 10.71
C SER A 360 3.83 8.08 10.09
N PRO A 361 2.63 8.22 9.49
CA PRO A 361 2.25 9.53 8.97
C PRO A 361 2.12 10.56 10.08
N ILE A 362 1.76 10.12 11.30
CA ILE A 362 1.67 11.05 12.43
C ILE A 362 3.03 11.71 12.73
N LYS A 363 4.08 10.90 12.82
CA LYS A 363 5.45 11.39 13.02
C LYS A 363 5.90 12.27 11.84
N THR A 364 5.58 11.84 10.62
CA THR A 364 5.96 12.54 9.40
C THR A 364 5.35 13.94 9.37
N TRP A 365 4.05 14.00 9.60
CA TRP A 365 3.34 15.27 9.60
C TRP A 365 3.67 16.15 10.79
N ASP A 366 4.04 15.54 11.92
CA ASP A 366 4.41 16.33 13.10
C ASP A 366 5.69 17.12 12.79
N ALA A 367 6.62 16.47 12.10
CA ALA A 367 7.89 17.06 11.74
C ALA A 367 7.80 18.08 10.60
N ILE A 368 7.00 17.78 9.57
CA ILE A 368 6.74 18.78 8.50
C ILE A 368 6.16 20.06 9.11
N ILE A 369 5.14 19.91 9.95
CA ILE A 369 4.42 21.05 10.49
C ILE A 369 5.29 21.85 11.47
N PHE A 370 6.05 21.14 12.28
CA PHE A 370 7.01 21.78 13.19
C PHE A 370 8.05 22.60 12.44
N ASN A 371 8.66 22.01 11.41
CA ASN A 371 9.64 22.71 10.59
C ASN A 371 9.08 23.92 9.88
N SER A 372 7.84 23.79 9.38
CA SER A 372 7.15 24.90 8.76
C SER A 372 6.93 26.07 9.73
N LEU A 373 6.41 25.76 10.91
CA LEU A 373 6.11 26.79 11.91
C LEU A 373 7.39 27.44 12.45
N LYS A 374 8.40 26.62 12.71
CA LYS A 374 9.70 27.08 13.20
C LYS A 374 10.30 28.18 12.31
N GLU A 375 10.06 28.07 11.00
CA GLU A 375 10.51 29.07 10.02
C GLU A 375 9.95 30.47 10.26
N GLN A 376 8.78 30.54 10.90
CA GLN A 376 8.13 31.80 11.21
C GLN A 376 8.25 32.14 12.70
N ASN A 377 9.18 31.49 13.38
CA ASN A 377 9.38 31.64 14.83
C ASN A 377 8.14 31.30 15.66
N LYS A 378 7.30 30.42 15.13
CA LYS A 378 6.11 29.98 15.84
C LYS A 378 6.37 28.70 16.61
N VAL A 379 5.61 28.50 17.68
CA VAL A 379 5.86 27.45 18.65
C VAL A 379 4.71 26.45 18.68
N ILE A 380 5.03 25.17 18.47
CA ILE A 380 4.03 24.10 18.44
C ILE A 380 3.46 23.82 19.83
N PRO A 381 2.16 23.43 19.90
CA PRO A 381 1.55 23.15 21.20
C PRO A 381 2.01 21.81 21.75
N GLN A 382 1.86 21.61 23.05
CA GLN A 382 2.17 20.32 23.65
C GLN A 382 1.12 19.28 23.23
N GLY A 383 1.59 18.05 23.07
CA GLY A 383 0.70 16.91 22.85
C GLY A 383 -0.14 16.64 24.07
N ARG A 384 -1.43 16.42 23.86
CA ARG A 384 -2.36 16.14 24.94
C ARG A 384 -3.01 14.75 24.85
N SER A 385 -3.58 14.32 25.96
CA SER A 385 -4.29 13.05 26.09
C SER A 385 -5.73 13.21 25.63
N HIS A 386 -6.22 12.26 24.85
CA HIS A 386 -7.62 12.29 24.41
C HIS A 386 -8.23 10.90 24.44
N PRO A 387 -9.49 10.78 24.89
CA PRO A 387 -10.19 9.51 24.75
C PRO A 387 -10.52 9.25 23.28
N VAL A 388 -10.40 8.01 22.84
CA VAL A 388 -10.80 7.62 21.48
C VAL A 388 -12.32 7.71 21.36
N GLN A 389 -12.77 8.50 20.39
CA GLN A 389 -14.19 8.71 20.12
C GLN A 389 -14.51 8.50 18.63
N PRO A 390 -15.67 7.89 18.31
CA PRO A 390 -16.12 7.76 16.92
C PRO A 390 -16.53 9.10 16.32
N TYR A 391 -16.48 9.22 15.00
CA TYR A 391 -16.96 10.41 14.32
C TYR A 391 -17.38 10.02 12.89
N PRO A 392 -18.30 10.79 12.26
CA PRO A 392 -18.86 10.38 10.97
C PRO A 392 -17.92 10.55 9.77
N GLY A 393 -18.13 9.72 8.76
CA GLY A 393 -17.28 9.70 7.58
C GLY A 393 -18.02 10.09 6.31
N ALA A 394 -17.71 9.38 5.23
CA ALA A 394 -18.18 9.72 3.90
C ALA A 394 -19.64 9.32 3.68
N PHE A 395 -20.26 9.93 2.67
CA PHE A 395 -21.56 9.51 2.21
C PHE A 395 -21.40 8.50 1.08
N VAL A 396 -22.18 7.43 1.16
CA VAL A 396 -22.26 6.42 0.12
C VAL A 396 -23.74 6.25 -0.24
N LYS A 397 -24.07 6.47 -1.50
CA LYS A 397 -25.44 6.33 -1.98
C LYS A 397 -25.82 4.86 -2.14
N GLU A 398 -27.04 4.51 -1.70
CA GLU A 398 -27.60 3.19 -1.96
C GLU A 398 -28.01 3.07 -3.43
N PRO A 399 -27.31 2.19 -4.19
CA PRO A 399 -27.72 2.09 -5.58
C PRO A 399 -28.89 1.10 -5.74
N ILE A 400 -29.73 1.33 -6.74
CA ILE A 400 -30.73 0.33 -7.13
C ILE A 400 -29.99 -0.83 -7.84
N PRO A 401 -30.05 -2.05 -7.28
CA PRO A 401 -29.36 -3.16 -7.95
C PRO A 401 -29.93 -3.35 -9.35
N ASN A 402 -29.06 -3.44 -10.35
CA ASN A 402 -29.48 -3.47 -11.74
C ASN A 402 -28.30 -3.55 -12.66
N ARG A 403 -28.58 -3.88 -13.92
CA ARG A 403 -27.65 -3.61 -14.98
C ARG A 403 -27.71 -2.12 -15.28
N TYR A 404 -26.58 -1.58 -15.71
CA TYR A 404 -26.50 -0.21 -16.21
C TYR A 404 -25.69 -0.22 -17.49
N LYS A 405 -26.32 0.15 -18.60
CA LYS A 405 -25.76 -0.01 -19.93
C LYS A 405 -24.65 1.00 -20.23
N TYR A 406 -25.01 2.28 -20.30
CA TYR A 406 -24.04 3.35 -20.51
C TYR A 406 -23.83 4.14 -19.22
N VAL A 407 -22.58 4.17 -18.76
CA VAL A 407 -22.25 4.89 -17.52
C VAL A 407 -21.10 5.85 -17.75
N MET A 408 -21.24 7.06 -17.23
CA MET A 408 -20.15 8.00 -17.16
C MET A 408 -19.96 8.43 -15.72
N SER A 409 -18.73 8.32 -15.24
CA SER A 409 -18.44 8.70 -13.87
C SER A 409 -17.67 10.01 -13.82
N PHE A 410 -17.88 10.74 -12.72
CA PHE A 410 -17.20 12.00 -12.46
C PHE A 410 -16.58 11.96 -11.08
N ASP A 411 -15.47 12.65 -10.92
CA ASP A 411 -14.67 12.51 -9.72
C ASP A 411 -13.99 13.80 -9.25
N LEU A 412 -14.08 14.06 -7.95
CA LEU A 412 -13.39 15.20 -7.36
C LEU A 412 -11.92 14.86 -7.12
N THR A 413 -11.03 15.74 -7.57
CA THR A 413 -9.59 15.55 -7.40
C THR A 413 -9.23 15.69 -5.94
N SER A 414 -8.48 14.71 -5.45
CA SER A 414 -7.91 14.71 -4.09
C SER A 414 -8.86 15.42 -3.13
N LEU A 415 -10.02 14.79 -2.89
CA LEU A 415 -11.14 15.48 -2.25
C LEU A 415 -10.85 16.05 -0.86
N TYR A 416 -10.50 15.19 0.10
CA TYR A 416 -10.31 15.66 1.48
C TYR A 416 -9.19 16.70 1.61
N PRO A 417 -8.05 16.50 0.92
CA PRO A 417 -7.03 17.55 0.94
C PRO A 417 -7.50 18.83 0.26
N SER A 418 -8.37 18.71 -0.75
CA SER A 418 -8.97 19.89 -1.38
C SER A 418 -9.95 20.60 -0.46
N ILE A 419 -10.68 19.83 0.35
CA ILE A 419 -11.62 20.41 1.33
C ILE A 419 -10.86 21.20 2.40
N ILE A 420 -9.77 20.62 2.90
CA ILE A 420 -8.90 21.27 3.87
C ILE A 420 -8.45 22.64 3.37
N ARG A 421 -8.01 22.69 2.11
CA ARG A 421 -7.52 23.90 1.49
C ARG A 421 -8.63 24.90 1.16
N GLN A 422 -9.78 24.40 0.68
CA GLN A 422 -10.92 25.24 0.32
C GLN A 422 -11.51 25.93 1.54
N VAL A 423 -11.79 25.14 2.58
CA VAL A 423 -12.41 25.65 3.80
C VAL A 423 -11.38 26.37 4.68
N ASN A 424 -10.11 26.04 4.49
CA ASN A 424 -8.98 26.53 5.31
C ASN A 424 -8.99 25.91 6.70
N ILE A 425 -8.97 24.58 6.74
CA ILE A 425 -9.09 23.83 7.97
C ILE A 425 -7.73 23.55 8.61
N SER A 426 -7.54 24.04 9.83
CA SER A 426 -6.24 23.97 10.52
C SER A 426 -6.46 24.19 12.02
N PRO A 427 -5.55 23.69 12.87
CA PRO A 427 -5.73 23.93 14.31
C PRO A 427 -5.89 25.42 14.64
N GLU A 428 -5.11 26.28 14.00
CA GLU A 428 -5.06 27.70 14.36
C GLU A 428 -6.01 28.61 13.56
N THR A 429 -6.79 28.04 12.65
CA THR A 429 -7.69 28.85 11.81
C THR A 429 -9.16 28.77 12.24
N ILE A 430 -9.42 28.03 13.32
CA ILE A 430 -10.76 27.93 13.88
C ILE A 430 -11.22 29.31 14.37
N ALA A 431 -12.38 29.76 13.88
CA ALA A 431 -12.89 31.10 14.19
C ALA A 431 -14.11 31.06 15.10
N GLY A 432 -14.74 29.89 15.20
CA GLY A 432 -15.95 29.75 16.02
C GLY A 432 -16.92 28.73 15.42
N THR A 433 -18.18 28.83 15.79
CA THR A 433 -19.21 27.91 15.31
C THR A 433 -20.46 28.67 14.85
N PHE A 434 -21.31 27.98 14.10
CA PHE A 434 -22.62 28.54 13.76
C PHE A 434 -23.67 27.48 14.02
N LYS A 435 -24.91 27.91 14.07
CA LYS A 435 -26.05 27.02 14.34
C LYS A 435 -26.36 26.18 13.11
N VAL A 436 -26.17 24.87 13.23
CA VAL A 436 -26.30 23.98 12.09
C VAL A 436 -27.75 23.57 11.78
N ALA A 437 -28.08 23.58 10.49
CA ALA A 437 -29.33 23.03 10.00
C ALA A 437 -29.09 21.57 9.61
N PRO A 438 -30.16 20.77 9.47
CA PRO A 438 -29.94 19.40 8.97
C PRO A 438 -29.17 19.45 7.66
N LEU A 439 -28.29 18.47 7.44
CA LEU A 439 -27.45 18.43 6.24
C LEU A 439 -28.27 18.62 4.95
N HIS A 440 -29.40 17.91 4.87
CA HIS A 440 -30.36 17.99 3.76
CA HIS A 440 -30.24 18.01 3.69
C HIS A 440 -30.67 19.44 3.35
N ASP A 441 -30.77 20.31 4.35
CA ASP A 441 -31.07 21.71 4.10
C ASP A 441 -29.94 22.45 3.38
N TYR A 442 -28.69 22.09 3.68
CA TYR A 442 -27.55 22.65 2.96
C TYR A 442 -27.42 22.04 1.57
N ILE A 443 -27.67 20.73 1.46
CA ILE A 443 -27.59 20.03 0.18
C ILE A 443 -28.55 20.64 -0.83
N ASN A 444 -29.72 21.05 -0.33
CA ASN A 444 -30.78 21.61 -1.16
C ASN A 444 -30.80 23.13 -1.21
N ALA A 445 -29.84 23.75 -0.52
CA ALA A 445 -29.64 25.19 -0.56
C ALA A 445 -30.84 25.98 -0.03
N VAL A 446 -31.46 25.46 1.04
CA VAL A 446 -32.57 26.17 1.69
C VAL A 446 -32.19 26.67 3.09
N ALA A 447 -31.14 26.09 3.66
CA ALA A 447 -30.63 26.54 4.95
C ALA A 447 -30.06 27.95 4.84
N GLU A 448 -30.14 28.69 5.96
CA GLU A 448 -29.52 30.00 6.09
C GLU A 448 -28.02 29.94 5.80
N ARG A 449 -27.50 30.98 5.12
CA ARG A 449 -26.06 31.07 4.87
C ARG A 449 -25.32 31.08 6.21
N PRO A 450 -24.38 30.15 6.42
CA PRO A 450 -23.71 30.00 7.73
C PRO A 450 -23.00 31.26 8.22
N SER A 451 -22.30 31.96 7.32
CA SER A 451 -21.51 33.13 7.71
C SER A 451 -21.27 34.07 6.53
N ASP A 452 -21.22 35.36 6.85
CA ASP A 452 -20.83 36.41 5.92
C ASP A 452 -19.39 36.85 6.18
N VAL A 453 -18.71 36.21 7.13
CA VAL A 453 -17.34 36.61 7.49
C VAL A 453 -16.33 35.47 7.33
N TYR A 454 -16.73 34.27 7.74
CA TYR A 454 -15.81 33.15 7.83
C TYR A 454 -16.12 32.03 6.84
N SER A 455 -15.15 31.14 6.66
CA SER A 455 -15.26 30.02 5.75
C SER A 455 -15.82 28.81 6.51
N CYS A 456 -16.87 28.20 5.98
CA CYS A 456 -17.67 27.24 6.75
C CYS A 456 -17.74 25.82 6.25
N SER A 457 -17.93 24.91 7.19
CA SER A 457 -18.31 23.54 6.89
C SER A 457 -19.67 23.29 7.53
N PRO A 458 -20.53 22.50 6.87
CA PRO A 458 -21.89 22.23 7.37
C PRO A 458 -21.95 21.40 8.68
N ASN A 459 -20.80 21.14 9.31
CA ASN A 459 -20.80 20.56 10.67
C ASN A 459 -20.88 21.65 11.75
N GLY A 460 -20.91 22.91 11.32
CA GLY A 460 -21.02 24.04 12.24
C GLY A 460 -19.74 24.80 12.46
N MET A 461 -18.65 24.38 11.82
CA MET A 461 -17.36 25.02 12.08
C MET A 461 -17.07 26.16 11.11
N MET A 462 -16.46 27.21 11.65
CA MET A 462 -16.08 28.41 10.91
C MET A 462 -14.58 28.62 11.02
N TYR A 463 -13.99 29.12 9.94
CA TYR A 463 -12.54 29.26 9.83
C TYR A 463 -12.16 30.64 9.28
N TYR A 464 -10.98 31.11 9.68
CA TYR A 464 -10.48 32.40 9.19
C TYR A 464 -10.21 32.37 7.68
N LYS A 465 -10.37 33.52 7.04
CA LYS A 465 -10.17 33.64 5.60
C LYS A 465 -9.01 34.58 5.26
N ASP A 466 -8.37 35.17 6.27
CA ASP A 466 -7.32 36.18 6.01
C ASP A 466 -5.99 35.56 5.59
N ARG A 467 -5.70 34.37 6.10
CA ARG A 467 -4.44 33.72 5.77
C ARG A 467 -4.60 32.21 5.85
N ASP A 468 -3.81 31.48 5.07
CA ASP A 468 -3.81 30.02 5.09
C ASP A 468 -3.31 29.49 6.41
N GLY A 469 -3.97 28.48 6.94
CA GLY A 469 -3.45 27.74 8.09
C GLY A 469 -2.24 26.92 7.68
N VAL A 470 -1.49 26.45 8.67
CA VAL A 470 -0.29 25.63 8.41
C VAL A 470 -0.65 24.29 7.77
N VAL A 471 -1.79 23.72 8.15
CA VAL A 471 -2.23 22.44 7.55
C VAL A 471 -2.56 22.60 6.04
N PRO A 472 -3.45 23.54 5.67
CA PRO A 472 -3.62 23.82 4.24
C PRO A 472 -2.32 24.16 3.50
N THR A 473 -1.44 24.97 4.10
CA THR A 473 -0.17 25.32 3.45
C THR A 473 0.72 24.09 3.15
N GLU A 474 0.84 23.22 4.14
CA GLU A 474 1.77 22.10 4.02
C GLU A 474 1.20 20.93 3.22
N ILE A 475 -0.12 20.76 3.28
CA ILE A 475 -0.79 19.75 2.49
C ILE A 475 -0.74 20.09 0.99
N THR A 476 -0.81 21.39 0.66
CA THR A 476 -0.73 21.86 -0.71
C THR A 476 0.61 21.48 -1.36
N LYS A 477 1.70 21.64 -0.61
CA LYS A 477 3.03 21.33 -1.14
C LYS A 477 3.16 19.86 -1.58
N VAL A 478 2.69 18.94 -0.74
CA VAL A 478 2.76 17.52 -1.09
C VAL A 478 1.75 17.17 -2.17
N PHE A 479 0.58 17.81 -2.10
CA PHE A 479 -0.44 17.68 -3.16
C PHE A 479 0.15 18.03 -4.54
N ASN A 480 0.91 19.12 -4.61
CA ASN A 480 1.52 19.56 -5.86
C ASN A 480 2.59 18.60 -6.38
N GLN A 481 3.37 18.03 -5.47
CA GLN A 481 4.35 17.01 -5.81
C GLN A 481 3.65 15.79 -6.40
N ARG A 482 2.61 15.34 -5.73
CA ARG A 482 1.79 14.23 -6.17
C ARG A 482 1.32 14.43 -7.61
N LYS A 483 0.76 15.60 -7.88
CA LYS A 483 0.23 15.95 -9.20
C LYS A 483 1.27 15.73 -10.32
N GLU A 484 2.52 16.10 -10.05
CA GLU A 484 3.62 15.91 -11.00
C GLU A 484 3.83 14.44 -11.35
N HIS A 485 3.89 13.59 -10.33
CA HIS A 485 4.12 12.17 -10.50
C HIS A 485 2.93 11.46 -11.12
N LYS A 486 1.74 11.92 -10.78
CA LYS A 486 0.53 11.35 -11.39
C LYS A 486 0.50 11.66 -12.89
N GLY A 487 0.96 12.85 -13.27
CA GLY A 487 1.12 13.20 -14.68
C GLY A 487 2.02 12.22 -15.43
N TYR A 488 3.19 11.91 -14.86
CA TYR A 488 4.11 10.92 -15.44
C TYR A 488 3.49 9.54 -15.54
N MET A 489 2.74 9.14 -14.50
CA MET A 489 2.12 7.82 -14.47
C MET A 489 1.12 7.66 -15.60
N LEU A 490 0.24 8.66 -15.75
CA LEU A 490 -0.79 8.65 -16.79
C LEU A 490 -0.22 8.74 -18.21
N ALA A 491 0.81 9.55 -18.42
CA ALA A 491 1.50 9.60 -19.72
C ALA A 491 2.08 8.23 -20.06
N ALA A 492 2.72 7.59 -19.06
CA ALA A 492 3.28 6.25 -19.24
C ALA A 492 2.20 5.23 -19.58
N GLN A 493 1.04 5.41 -18.97
CA GLN A 493 -0.10 4.55 -19.22
C GLN A 493 -0.62 4.75 -20.64
N ARG A 494 -0.77 6.02 -21.04
CA ARG A 494 -1.27 6.32 -22.38
C ARG A 494 -0.28 5.81 -23.42
N ASN A 495 1.01 5.91 -23.10
CA ASN A 495 2.08 5.45 -23.97
C ASN A 495 2.04 3.92 -24.15
N GLY A 496 1.73 3.22 -23.05
CA GLY A 496 1.53 1.77 -23.09
C GLY A 496 0.44 1.38 -24.07
N GLU A 497 -0.66 2.13 -24.05
CA GLU A 497 -1.79 1.83 -24.94
C GLU A 497 -1.45 2.07 -26.42
N ILE A 498 -0.56 3.03 -26.69
CA ILE A 498 -0.08 3.24 -28.05
C ILE A 498 0.70 2.00 -28.54
N ILE A 499 1.54 1.43 -27.67
CA ILE A 499 2.34 0.26 -28.00
C ILE A 499 1.47 -0.97 -28.21
N LYS A 500 0.48 -1.15 -27.35
CA LYS A 500 -0.49 -2.25 -27.49
C LYS A 500 -1.22 -2.22 -28.82
N GLU A 501 -1.68 -1.04 -29.24
CA GLU A 501 -2.30 -0.89 -30.56
C GLU A 501 -1.32 -1.35 -31.65
N ALA A 502 -0.09 -0.85 -31.58
CA ALA A 502 0.94 -1.14 -32.57
C ALA A 502 1.23 -2.63 -32.67
N LEU A 503 1.19 -3.31 -31.52
CA LEU A 503 1.43 -4.74 -31.44
C LEU A 503 0.48 -5.60 -32.28
N HIS A 504 -0.69 -5.05 -32.64
CA HIS A 504 -1.62 -5.76 -33.51
C HIS A 504 -1.07 -5.92 -34.93
N ASN A 505 -0.16 -5.02 -35.30
CA ASN A 505 0.50 -5.07 -36.60
C ASN A 505 2.02 -4.97 -36.53
N PRO A 506 2.70 -5.98 -35.93
CA PRO A 506 4.16 -5.91 -35.78
C PRO A 506 4.91 -6.16 -37.09
N ASN A 507 6.01 -5.45 -37.30
CA ASN A 507 6.80 -5.59 -38.52
C ASN A 507 7.81 -6.73 -38.43
N LEU A 508 8.01 -7.41 -39.56
CA LEU A 508 8.95 -8.52 -39.62
C LEU A 508 10.35 -7.99 -39.92
N SER A 509 11.07 -7.67 -38.85
CA SER A 509 12.40 -7.06 -38.96
C SER A 509 13.20 -7.21 -37.67
N VAL A 510 14.51 -7.02 -37.79
CA VAL A 510 15.39 -6.98 -36.63
C VAL A 510 15.73 -5.52 -36.36
N ASP A 511 15.34 -5.06 -35.17
CA ASP A 511 15.53 -3.67 -34.76
C ASP A 511 15.69 -3.58 -33.24
N GLU A 512 15.70 -2.35 -32.73
CA GLU A 512 15.85 -2.10 -31.30
C GLU A 512 14.69 -1.26 -30.77
N PRO A 513 14.37 -1.40 -29.46
CA PRO A 513 13.39 -0.49 -28.85
C PRO A 513 13.91 0.96 -28.88
N LEU A 514 12.99 1.91 -29.02
CA LEU A 514 13.34 3.33 -29.10
C LEU A 514 13.83 3.85 -27.75
N ASP A 515 14.82 4.74 -27.78
CA ASP A 515 15.33 5.37 -26.56
C ASP A 515 14.48 6.59 -26.23
N VAL A 516 13.49 6.39 -25.36
CA VAL A 516 12.48 7.41 -25.09
C VAL A 516 12.19 7.56 -23.59
N ASP A 517 11.69 8.73 -23.21
CA ASP A 517 11.19 8.96 -21.84
C ASP A 517 9.69 8.68 -21.79
N TYR A 518 9.33 7.55 -21.17
CA TYR A 518 7.93 7.10 -21.12
C TYR A 518 7.03 7.96 -20.23
N ARG A 519 7.63 8.88 -19.48
CA ARG A 519 6.88 9.79 -18.59
C ARG A 519 6.22 10.93 -19.35
N PHE A 520 6.50 11.04 -20.64
CA PHE A 520 5.95 12.09 -21.48
C PHE A 520 5.27 11.48 -22.70
N ASP A 521 4.14 12.07 -23.09
CA ASP A 521 3.36 11.59 -24.23
C ASP A 521 4.22 11.50 -25.47
N PHE A 522 4.15 10.36 -26.16
CA PHE A 522 4.97 10.14 -27.34
C PHE A 522 4.65 11.20 -28.38
N SER A 523 5.70 11.79 -28.95
CA SER A 523 5.57 12.71 -30.08
C SER A 523 5.04 11.97 -31.31
N ASP A 524 4.64 12.73 -32.33
CA ASP A 524 4.21 12.17 -33.61
C ASP A 524 5.30 11.35 -34.30
N GLU A 525 6.56 11.78 -34.15
CA GLU A 525 7.70 11.06 -34.71
C GLU A 525 7.90 9.70 -34.03
N ILE A 526 7.79 9.68 -32.71
CA ILE A 526 7.90 8.42 -31.98
C ILE A 526 6.77 7.46 -32.38
N LYS A 527 5.54 7.97 -32.47
CA LYS A 527 4.41 7.17 -32.92
C LYS A 527 4.63 6.58 -34.32
N GLU A 528 5.24 7.36 -35.21
CA GLU A 528 5.50 6.88 -36.57
C GLU A 528 6.53 5.75 -36.59
N LYS A 529 7.57 5.88 -35.76
CA LYS A 529 8.61 4.84 -35.65
C LYS A 529 8.07 3.56 -35.01
N ILE A 530 7.20 3.72 -34.00
CA ILE A 530 6.59 2.59 -33.31
C ILE A 530 5.79 1.70 -34.26
N LYS A 531 5.07 2.33 -35.19
CA LYS A 531 4.28 1.63 -36.22
C LYS A 531 5.12 0.80 -37.19
N LYS A 532 6.45 0.94 -37.11
CA LYS A 532 7.34 0.19 -37.99
C LYS A 532 8.19 -0.83 -37.24
N LEU A 533 8.03 -0.91 -35.92
CA LEU A 533 8.84 -1.81 -35.09
C LEU A 533 8.32 -3.25 -35.06
N SER A 534 9.22 -4.18 -34.76
CA SER A 534 8.90 -5.59 -34.57
C SER A 534 8.24 -5.83 -33.23
N ALA A 535 7.63 -7.01 -33.09
CA ALA A 535 7.02 -7.43 -31.83
C ALA A 535 8.02 -7.43 -30.67
N LYS A 536 9.23 -7.92 -30.91
CA LYS A 536 10.28 -8.02 -29.89
C LYS A 536 10.60 -6.65 -29.29
N SER A 537 10.83 -5.67 -30.15
CA SER A 537 11.11 -4.31 -29.71
C SER A 537 9.89 -3.68 -29.05
N LEU A 538 8.71 -3.86 -29.66
CA LEU A 538 7.46 -3.35 -29.12
C LEU A 538 7.17 -3.87 -27.71
N ASN A 539 7.37 -5.18 -27.51
CA ASN A 539 7.16 -5.80 -26.21
C ASN A 539 8.15 -5.32 -25.16
N GLU A 540 9.40 -5.11 -25.58
CA GLU A 540 10.39 -4.53 -24.69
C GLU A 540 9.99 -3.13 -24.28
N MET A 541 9.54 -2.34 -25.26
CA MET A 541 9.03 -0.98 -25.01
C MET A 541 7.82 -0.99 -24.10
N LEU A 542 6.94 -1.98 -24.29
CA LEU A 542 5.76 -2.12 -23.46
C LEU A 542 6.17 -2.38 -22.02
N PHE A 543 7.12 -3.31 -21.83
CA PHE A 543 7.64 -3.61 -20.51
C PHE A 543 8.22 -2.36 -19.85
N ARG A 544 8.96 -1.58 -20.62
CA ARG A 544 9.57 -0.35 -20.10
C ARG A 544 8.55 0.72 -19.72
N ALA A 545 7.53 0.89 -20.59
CA ALA A 545 6.42 1.81 -20.34
C ALA A 545 5.68 1.45 -19.06
N GLN A 546 5.38 0.15 -18.91
CA GLN A 546 4.68 -0.34 -17.73
C GLN A 546 5.53 -0.22 -16.47
N ARG A 547 6.85 -0.40 -16.61
CA ARG A 547 7.78 -0.10 -15.51
C ARG A 547 7.77 1.38 -15.11
N THR A 548 7.72 2.26 -16.09
CA THR A 548 7.62 3.70 -15.84
C THR A 548 6.31 4.05 -15.14
N GLU A 549 5.20 3.49 -15.63
CA GLU A 549 3.90 3.66 -14.99
C GLU A 549 3.90 3.20 -13.52
N VAL A 550 4.48 2.04 -13.24
CA VAL A 550 4.61 1.55 -11.86
C VAL A 550 5.39 2.54 -10.99
N ALA A 551 6.52 3.03 -11.50
CA ALA A 551 7.34 3.99 -10.74
C ALA A 551 6.53 5.24 -10.41
N GLY A 552 5.81 5.76 -11.40
CA GLY A 552 4.93 6.92 -11.21
C GLY A 552 3.82 6.62 -10.21
N MET A 553 3.29 5.39 -10.27
CA MET A 553 2.22 4.95 -9.37
C MET A 553 2.69 4.98 -7.93
N THR A 554 3.87 4.42 -7.69
CA THR A 554 4.46 4.44 -6.36
C THR A 554 4.60 5.87 -5.86
N ALA A 555 5.18 6.74 -6.69
CA ALA A 555 5.41 8.12 -6.29
C ALA A 555 4.11 8.88 -6.03
N GLN A 556 3.12 8.71 -6.90
CA GLN A 556 1.87 9.47 -6.76
C GLN A 556 0.92 8.93 -5.69
N ILE A 557 0.64 7.62 -5.70
CA ILE A 557 -0.37 7.07 -4.79
C ILE A 557 0.05 7.20 -3.33
N ASN A 558 1.36 7.12 -3.07
CA ASN A 558 1.84 7.21 -1.69
C ASN A 558 2.00 8.66 -1.19
N ARG A 559 2.15 9.59 -2.13
CA ARG A 559 2.00 11.00 -1.78
C ARG A 559 0.55 11.31 -1.47
N LYS A 560 -0.37 10.75 -2.27
CA LYS A 560 -1.81 10.80 -1.95
C LYS A 560 -2.09 10.17 -0.58
N LEU A 561 -1.44 9.05 -0.28
CA LEU A 561 -1.64 8.39 1.01
C LEU A 561 -1.20 9.30 2.16
N LEU A 562 -0.04 9.93 1.98
CA LEU A 562 0.50 10.82 3.02
C LEU A 562 -0.45 11.99 3.27
N ILE A 563 -0.99 12.59 2.20
CA ILE A 563 -1.90 13.72 2.41
C ILE A 563 -3.26 13.29 2.95
N ASN A 564 -3.80 12.16 2.49
CA ASN A 564 -5.04 11.66 3.07
C ASN A 564 -4.86 11.29 4.55
N SER A 565 -3.64 10.88 4.90
CA SER A 565 -3.33 10.50 6.29
C SER A 565 -3.18 11.70 7.22
N LEU A 566 -2.90 12.88 6.65
CA LEU A 566 -2.99 14.11 7.42
C LEU A 566 -4.45 14.39 7.84
N TYR A 567 -5.39 14.26 6.91
CA TYR A 567 -6.81 14.21 7.29
C TYR A 567 -7.04 13.17 8.38
N GLY A 568 -6.53 11.96 8.17
CA GLY A 568 -6.74 10.86 9.11
C GLY A 568 -6.13 11.11 10.48
N ALA A 569 -4.95 11.73 10.49
CA ALA A 569 -4.26 12.08 11.73
C ALA A 569 -5.08 13.05 12.60
N LEU A 570 -5.85 13.93 11.95
CA LEU A 570 -6.73 14.85 12.68
C LEU A 570 -7.73 14.09 13.55
N GLY A 571 -8.01 12.85 13.17
CA GLY A 571 -8.87 11.96 13.98
C GLY A 571 -8.14 10.86 14.73
N ASN A 572 -6.83 11.02 14.93
CA ASN A 572 -6.06 10.10 15.77
C ASN A 572 -5.57 10.79 17.05
N VAL A 573 -5.89 10.20 18.20
CA VAL A 573 -5.66 10.80 19.52
C VAL A 573 -4.19 11.10 19.84
N TRP A 574 -3.27 10.42 19.15
CA TRP A 574 -1.83 10.61 19.34
C TRP A 574 -1.24 11.76 18.52
N PHE A 575 -1.99 12.28 17.55
CA PHE A 575 -1.55 13.41 16.74
C PHE A 575 -1.58 14.71 17.56
N ARG A 576 -0.49 15.49 17.45
CA ARG A 576 -0.37 16.76 18.14
C ARG A 576 -1.56 17.70 17.86
N TYR A 577 -2.10 17.60 16.65
CA TYR A 577 -3.19 18.50 16.23
C TYR A 577 -4.52 17.77 16.06
N TYR A 578 -4.68 16.68 16.81
CA TYR A 578 -5.95 15.96 16.92
C TYR A 578 -7.06 16.95 17.23
N ASP A 579 -8.14 16.88 16.45
CA ASP A 579 -9.32 17.68 16.70
C ASP A 579 -10.46 17.11 15.91
N LEU A 580 -11.41 16.48 16.62
CA LEU A 580 -12.57 15.89 15.97
C LEU A 580 -13.47 16.93 15.27
N ARG A 581 -13.43 18.18 15.74
CA ARG A 581 -14.14 19.28 15.06
C ARG A 581 -13.62 19.44 13.65
N ASN A 582 -12.30 19.44 13.50
CA ASN A 582 -11.67 19.54 12.18
C ASN A 582 -11.84 18.28 11.32
N ALA A 583 -11.66 17.10 11.93
CA ALA A 583 -11.90 15.84 11.21
C ALA A 583 -13.34 15.77 10.69
N THR A 584 -14.30 16.19 11.52
CA THR A 584 -15.73 16.12 11.14
C THR A 584 -16.09 17.25 10.15
N ALA A 585 -15.36 18.36 10.23
CA ALA A 585 -15.62 19.46 9.31
C ALA A 585 -15.32 19.02 7.87
N ILE A 586 -14.26 18.22 7.71
CA ILE A 586 -13.87 17.66 6.42
C ILE A 586 -14.87 16.64 5.87
N THR A 587 -15.20 15.64 6.67
CA THR A 587 -16.09 14.56 6.24
C THR A 587 -17.51 15.04 5.95
N THR A 588 -18.04 15.89 6.83
CA THR A 588 -19.37 16.44 6.67
C THR A 588 -19.44 17.33 5.43
N PHE A 589 -18.41 18.14 5.23
CA PHE A 589 -18.30 18.97 4.02
C PHE A 589 -18.34 18.06 2.79
N GLY A 590 -17.60 16.95 2.86
CA GLY A 590 -17.58 15.95 1.77
C GLY A 590 -18.95 15.35 1.49
N GLN A 591 -19.70 15.06 2.56
CA GLN A 591 -21.07 14.54 2.45
C GLN A 591 -21.97 15.53 1.72
N MET A 592 -21.89 16.80 2.13
CA MET A 592 -22.64 17.87 1.47
C MET A 592 -22.25 17.98 -0.01
N ALA A 593 -20.95 18.02 -0.27
CA ALA A 593 -20.41 18.25 -1.62
C ALA A 593 -20.91 17.22 -2.62
N LEU A 594 -20.89 15.95 -2.22
CA LEU A 594 -21.31 14.86 -3.09
C LEU A 594 -22.82 14.94 -3.38
N GLN A 595 -23.62 15.18 -2.34
CA GLN A 595 -25.06 15.24 -2.51
C GLN A 595 -25.54 16.54 -3.17
N TRP A 596 -24.81 17.64 -2.93
CA TRP A 596 -25.05 18.90 -3.62
C TRP A 596 -24.88 18.71 -5.13
N ILE A 597 -23.78 18.09 -5.53
CA ILE A 597 -23.49 17.92 -6.94
C ILE A 597 -24.33 16.83 -7.61
N GLU A 598 -24.76 15.84 -6.84
CA GLU A 598 -25.71 14.86 -7.34
C GLU A 598 -26.99 15.59 -7.77
N ARG A 599 -27.47 16.49 -6.89
CA ARG A 599 -28.64 17.31 -7.18
C ARG A 599 -28.42 18.19 -8.42
N LYS A 600 -27.24 18.81 -8.52
CA LYS A 600 -26.92 19.70 -9.65
C LYS A 600 -26.86 18.95 -10.98
N VAL A 601 -26.28 17.76 -10.97
CA VAL A 601 -26.13 16.97 -12.18
C VAL A 601 -27.49 16.45 -12.65
N ASN A 602 -28.30 15.95 -11.72
CA ASN A 602 -29.69 15.58 -12.01
C ASN A 602 -30.47 16.74 -12.63
N GLU A 603 -30.38 17.91 -12.01
CA GLU A 603 -31.10 19.09 -12.49
C GLU A 603 -30.63 19.47 -13.89
N TYR A 604 -29.32 19.44 -14.11
CA TYR A 604 -28.77 19.79 -15.42
C TYR A 604 -29.25 18.82 -16.51
N LEU A 605 -29.17 17.52 -16.25
CA LEU A 605 -29.52 16.53 -17.25
C LEU A 605 -31.04 16.42 -17.50
N ASN A 606 -31.85 16.60 -16.46
CA ASN A 606 -33.31 16.68 -16.60
C ASN A 606 -33.71 17.84 -17.50
N GLU A 607 -32.92 18.92 -17.42
CA GLU A 607 -33.07 20.11 -18.25
C GLU A 607 -32.78 19.78 -19.73
N VAL A 608 -31.64 19.15 -20.00
CA VAL A 608 -31.25 18.85 -21.39
C VAL A 608 -32.12 17.76 -22.05
N CYS A 609 -32.72 16.90 -21.25
CA CYS A 609 -33.59 15.83 -21.74
C CYS A 609 -35.08 16.20 -21.64
N GLY A 610 -35.35 17.40 -21.13
CA GLY A 610 -36.72 17.90 -21.00
C GLY A 610 -37.62 17.05 -20.13
N THR A 611 -37.09 16.59 -18.99
CA THR A 611 -37.86 15.80 -18.04
C THR A 611 -37.92 16.43 -16.64
N GLU A 612 -38.51 15.72 -15.68
CA GLU A 612 -38.61 16.16 -14.30
C GLU A 612 -38.53 14.96 -13.34
N GLY A 613 -37.69 15.10 -12.32
CA GLY A 613 -37.59 14.08 -11.27
C GLY A 613 -36.84 12.81 -11.62
N GLU A 614 -36.40 12.69 -12.87
CA GLU A 614 -35.58 11.56 -13.32
C GLU A 614 -34.23 11.53 -12.59
N ALA A 615 -33.88 10.36 -12.04
CA ALA A 615 -32.61 10.20 -11.35
C ALA A 615 -31.52 9.73 -12.31
N PHE A 616 -30.68 10.65 -12.77
CA PHE A 616 -29.56 10.32 -13.65
C PHE A 616 -28.36 9.78 -12.88
N VAL A 617 -28.13 10.32 -11.68
CA VAL A 617 -27.04 9.82 -10.83
C VAL A 617 -27.51 8.55 -10.13
N LEU A 618 -26.86 7.43 -10.46
CA LEU A 618 -27.28 6.11 -9.98
C LEU A 618 -26.52 5.69 -8.73
N TYR A 619 -25.40 6.36 -8.47
CA TYR A 619 -24.50 5.94 -7.41
C TYR A 619 -23.46 7.00 -7.12
N GLY A 620 -22.96 6.97 -5.89
CA GLY A 620 -21.85 7.80 -5.49
C GLY A 620 -21.24 7.25 -4.23
N ASP A 621 -19.93 7.49 -4.07
CA ASP A 621 -19.20 7.04 -2.91
C ASP A 621 -18.08 8.01 -2.60
N THR A 622 -18.25 8.74 -1.49
CA THR A 622 -17.28 9.70 -0.97
C THR A 622 -17.06 10.94 -1.84
N ASP A 623 -16.51 10.74 -3.03
CA ASP A 623 -16.00 11.82 -3.85
C ASP A 623 -16.30 11.66 -5.34
N SER A 624 -17.09 10.64 -5.69
CA SER A 624 -17.32 10.34 -7.10
C SER A 624 -18.75 9.95 -7.37
N ILE A 625 -19.23 10.28 -8.57
CA ILE A 625 -20.61 9.97 -8.96
C ILE A 625 -20.67 9.20 -10.26
N TYR A 626 -21.68 8.36 -10.41
CA TYR A 626 -21.89 7.56 -11.60
C TYR A 626 -23.22 7.95 -12.21
N VAL A 627 -23.16 8.38 -13.47
CA VAL A 627 -24.29 8.94 -14.20
C VAL A 627 -24.71 7.98 -15.29
N SER A 628 -26.00 7.70 -15.35
CA SER A 628 -26.55 6.91 -16.43
C SER A 628 -26.54 7.73 -17.73
N ALA A 629 -25.87 7.22 -18.76
CA ALA A 629 -25.76 7.91 -20.04
C ALA A 629 -26.67 7.34 -21.14
N ASP A 630 -27.51 6.37 -20.79
CA ASP A 630 -28.42 5.74 -21.77
C ASP A 630 -29.22 6.76 -22.58
N LYS A 631 -29.84 7.71 -21.89
CA LYS A 631 -30.67 8.72 -22.52
C LYS A 631 -29.91 9.64 -23.46
N ILE A 632 -28.63 9.88 -23.14
CA ILE A 632 -27.74 10.71 -23.98
C ILE A 632 -27.43 9.99 -25.28
N ILE A 633 -27.04 8.72 -25.15
CA ILE A 633 -26.80 7.85 -26.30
C ILE A 633 -28.06 7.68 -27.15
N ASP A 634 -29.19 7.47 -26.48
CA ASP A 634 -30.46 7.32 -27.18
C ASP A 634 -30.90 8.59 -27.91
N LYS A 635 -30.40 9.74 -27.46
CA LYS A 635 -30.79 11.00 -28.11
C LYS A 635 -30.19 11.17 -29.49
N VAL A 636 -29.02 10.58 -29.73
CA VAL A 636 -28.53 10.49 -31.12
C VAL A 636 -28.94 9.16 -31.77
N GLY A 637 -29.03 8.11 -30.95
CA GLY A 637 -29.43 6.78 -31.43
C GLY A 637 -28.24 5.94 -31.84
N GLU A 638 -28.12 4.75 -31.26
CA GLU A 638 -27.01 3.82 -31.50
C GLU A 638 -26.66 3.60 -32.97
N SER A 639 -27.68 3.51 -33.82
CA SER A 639 -27.49 3.22 -35.25
C SER A 639 -26.71 4.33 -35.99
N LYS A 640 -26.64 5.50 -35.39
CA LYS A 640 -25.91 6.64 -35.96
C LYS A 640 -24.39 6.55 -35.74
N PHE A 641 -23.96 5.68 -34.82
CA PHE A 641 -22.53 5.54 -34.49
C PHE A 641 -21.82 4.53 -35.37
N ARG A 642 -20.60 4.88 -35.77
CA ARG A 642 -19.80 4.02 -36.65
C ARG A 642 -19.27 2.78 -35.91
N ASP A 643 -18.69 2.99 -34.74
CA ASP A 643 -18.11 1.92 -33.93
C ASP A 643 -18.17 2.31 -32.44
N THR A 644 -17.61 1.46 -31.58
CA THR A 644 -17.62 1.75 -30.14
C THR A 644 -16.92 3.07 -29.87
N ASN A 645 -15.69 3.19 -30.38
CA ASN A 645 -14.87 4.38 -30.18
C ASN A 645 -15.59 5.67 -30.60
N HIS A 646 -16.56 5.57 -31.50
CA HIS A 646 -17.35 6.72 -31.92
C HIS A 646 -18.26 7.28 -30.81
N TRP A 647 -19.04 6.41 -30.16
CA TRP A 647 -19.85 6.88 -29.02
C TRP A 647 -19.02 7.23 -27.79
N VAL A 648 -17.86 6.60 -27.64
CA VAL A 648 -16.96 6.92 -26.54
C VAL A 648 -16.46 8.36 -26.73
N ASP A 649 -16.12 8.71 -27.97
CA ASP A 649 -15.75 10.07 -28.33
C ASP A 649 -16.88 11.06 -28.06
N PHE A 650 -18.09 10.69 -28.43
CA PHE A 650 -19.25 11.56 -28.26
C PHE A 650 -19.50 11.83 -26.78
N LEU A 651 -19.48 10.76 -25.98
CA LEU A 651 -19.63 10.89 -24.52
C LEU A 651 -18.48 11.65 -23.86
N ASP A 652 -17.26 11.42 -24.34
CA ASP A 652 -16.09 12.19 -23.87
C ASP A 652 -16.29 13.69 -24.09
N LYS A 653 -16.76 14.03 -25.28
CA LYS A 653 -17.00 15.43 -25.67
C LYS A 653 -18.18 16.04 -24.92
N PHE A 654 -19.24 15.26 -24.73
CA PHE A 654 -20.40 15.72 -23.96
C PHE A 654 -20.01 16.00 -22.51
N ALA A 655 -19.22 15.10 -21.93
CA ALA A 655 -18.76 15.23 -20.55
C ALA A 655 -17.91 16.50 -20.35
N ARG A 656 -16.94 16.69 -21.24
CA ARG A 656 -15.98 17.79 -21.11
C ARG A 656 -16.57 19.16 -21.43
N GLU A 657 -17.39 19.23 -22.47
CA GLU A 657 -17.88 20.51 -22.97
C GLU A 657 -19.22 20.94 -22.37
N ARG A 658 -20.02 19.97 -21.93
CA ARG A 658 -21.34 20.28 -21.38
C ARG A 658 -21.45 20.06 -19.88
N MET A 659 -21.03 18.89 -19.42
CA MET A 659 -21.27 18.50 -18.04
C MET A 659 -20.30 19.12 -17.04
N GLU A 660 -19.02 19.10 -17.38
CA GLU A 660 -17.99 19.69 -16.54
C GLU A 660 -18.20 21.18 -16.26
N PRO A 661 -18.56 21.99 -17.29
CA PRO A 661 -18.86 23.40 -17.00
C PRO A 661 -20.05 23.57 -16.05
N ALA A 662 -21.06 22.72 -16.21
CA ALA A 662 -22.24 22.77 -15.34
C ALA A 662 -21.89 22.32 -13.92
N ILE A 663 -21.03 21.31 -13.82
CA ILE A 663 -20.55 20.82 -12.54
C ILE A 663 -19.74 21.90 -11.83
N ASP A 664 -18.86 22.58 -12.57
CA ASP A 664 -18.10 23.70 -12.04
C ASP A 664 -19.00 24.81 -11.49
N ARG A 665 -20.03 25.19 -12.25
CA ARG A 665 -20.98 26.22 -11.80
C ARG A 665 -21.64 25.83 -10.48
N GLY A 666 -22.03 24.56 -10.38
CA GLY A 666 -22.66 24.05 -9.17
C GLY A 666 -21.75 24.18 -7.96
N PHE A 667 -20.49 23.81 -8.13
CA PHE A 667 -19.51 23.88 -7.04
C PHE A 667 -19.10 25.31 -6.67
N ARG A 668 -19.02 26.20 -7.66
CA ARG A 668 -18.71 27.60 -7.38
CA ARG A 668 -18.72 27.61 -7.39
C ARG A 668 -19.83 28.23 -6.55
N GLU A 669 -21.08 27.85 -6.83
CA GLU A 669 -22.21 28.33 -6.05
C GLU A 669 -22.11 27.80 -4.61
N MET A 670 -21.73 26.53 -4.47
CA MET A 670 -21.56 25.92 -3.16
C MET A 670 -20.44 26.60 -2.37
N CYS A 671 -19.35 26.94 -3.05
CA CYS A 671 -18.24 27.66 -2.43
C CYS A 671 -18.69 28.99 -1.81
N GLU A 672 -19.49 29.76 -2.56
CA GLU A 672 -20.04 31.04 -2.08
C GLU A 672 -21.02 30.88 -0.92
N TYR A 673 -21.78 29.79 -0.98
CA TYR A 673 -22.79 29.45 0.02
C TYR A 673 -22.10 29.19 1.37
N MET A 674 -21.02 28.43 1.34
CA MET A 674 -20.21 28.14 2.52
C MET A 674 -19.18 29.25 2.80
N ASN A 675 -19.17 30.29 1.94
CA ASN A 675 -18.20 31.39 2.05
C ASN A 675 -16.76 30.90 2.19
N ASN A 676 -16.39 29.85 1.44
CA ASN A 676 -15.06 29.26 1.59
C ASN A 676 -13.96 30.17 1.07
N LYS A 677 -12.73 29.89 1.51
CA LYS A 677 -11.58 30.74 1.16
C LYS A 677 -11.28 30.67 -0.35
N GLN A 678 -11.37 29.48 -0.91
CA GLN A 678 -10.92 29.25 -2.30
C GLN A 678 -11.67 28.06 -2.89
N HIS A 679 -12.15 28.22 -4.12
CA HIS A 679 -12.86 27.15 -4.80
C HIS A 679 -11.89 26.08 -5.31
N LEU A 680 -11.99 24.89 -4.74
CA LEU A 680 -11.07 23.81 -5.11
C LEU A 680 -11.79 22.49 -5.37
N MET A 681 -13.10 22.57 -5.51
CA MET A 681 -13.89 21.38 -5.83
C MET A 681 -13.90 21.19 -7.35
N PHE A 682 -12.96 20.36 -7.82
CA PHE A 682 -12.74 20.17 -9.23
C PHE A 682 -13.14 18.76 -9.59
N MET A 683 -14.35 18.63 -10.15
CA MET A 683 -14.87 17.33 -10.52
C MET A 683 -14.82 17.13 -12.03
N ASP A 684 -13.99 16.17 -12.44
CA ASP A 684 -13.74 15.87 -13.85
C ASP A 684 -14.32 14.51 -14.19
N ARG A 685 -14.54 14.30 -15.48
CA ARG A 685 -14.97 13.00 -15.95
C ARG A 685 -13.88 11.98 -15.64
N GLU A 686 -14.30 10.82 -15.12
CA GLU A 686 -13.40 9.75 -14.80
C GLU A 686 -13.56 8.66 -15.87
N ALA A 687 -14.63 7.87 -15.79
CA ALA A 687 -14.77 6.72 -16.67
C ALA A 687 -15.92 6.85 -17.66
N ILE A 688 -15.71 6.24 -18.83
CA ILE A 688 -16.76 6.06 -19.83
C ILE A 688 -16.91 4.55 -20.04
N ALA A 689 -18.11 4.04 -19.77
CA ALA A 689 -18.37 2.61 -19.73
C ALA A 689 -19.59 2.23 -20.56
N GLY A 690 -19.57 1.04 -21.12
CA GLY A 690 -20.69 0.53 -21.91
C GLY A 690 -20.32 -0.73 -22.67
N PRO A 691 -21.33 -1.41 -23.25
CA PRO A 691 -21.07 -2.63 -24.01
C PRO A 691 -20.43 -2.31 -25.36
N PRO A 692 -19.72 -3.28 -25.96
CA PRO A 692 -19.27 -3.09 -27.35
C PRO A 692 -20.45 -2.81 -28.27
N LEU A 693 -20.29 -1.85 -29.17
CA LEU A 693 -21.36 -1.48 -30.10
C LEU A 693 -21.88 -2.70 -30.88
N GLY A 694 -23.20 -2.89 -30.84
CA GLY A 694 -23.86 -3.99 -31.54
C GLY A 694 -23.64 -5.36 -30.91
N SER A 695 -23.28 -5.38 -29.64
CA SER A 695 -23.15 -6.62 -28.90
C SER A 695 -24.38 -6.78 -28.00
N LYS A 696 -24.47 -7.91 -27.30
CA LYS A 696 -25.50 -8.12 -26.30
C LYS A 696 -24.98 -7.97 -24.87
N GLY A 697 -23.78 -7.41 -24.73
CA GLY A 697 -23.22 -7.13 -23.40
C GLY A 697 -24.07 -6.14 -22.64
N ILE A 698 -24.09 -6.26 -21.32
CA ILE A 698 -24.92 -5.36 -20.50
C ILE A 698 -24.20 -4.08 -20.08
N GLY A 699 -22.89 -4.03 -20.27
CA GLY A 699 -22.10 -2.81 -20.02
C GLY A 699 -21.62 -2.66 -18.59
N GLY A 700 -22.53 -2.78 -17.64
CA GLY A 700 -22.18 -2.66 -16.22
C GLY A 700 -23.28 -3.13 -15.30
N PHE A 701 -22.96 -3.33 -14.03
CA PHE A 701 -23.98 -3.62 -13.01
C PHE A 701 -23.53 -3.22 -11.60
N TRP A 702 -24.51 -2.93 -10.74
CA TRP A 702 -24.30 -2.72 -9.31
C TRP A 702 -25.09 -3.80 -8.57
N THR A 703 -24.49 -4.40 -7.54
CA THR A 703 -25.24 -5.28 -6.64
C THR A 703 -25.60 -4.55 -5.34
N GLY A 704 -24.84 -3.50 -5.04
CA GLY A 704 -25.00 -2.78 -3.78
C GLY A 704 -23.93 -1.74 -3.61
N LYS A 705 -23.89 -1.13 -2.43
CA LYS A 705 -22.83 -0.18 -2.09
C LYS A 705 -21.47 -0.87 -2.17
N LYS A 706 -20.50 -0.17 -2.74
CA LYS A 706 -19.12 -0.63 -2.87
C LYS A 706 -18.98 -1.96 -3.60
N ARG A 707 -19.94 -2.25 -4.48
CA ARG A 707 -20.00 -3.53 -5.20
C ARG A 707 -20.54 -3.35 -6.60
N TYR A 708 -19.66 -3.31 -7.60
CA TYR A 708 -20.06 -3.04 -8.97
C TYR A 708 -19.00 -3.42 -9.99
N ALA A 709 -19.40 -3.44 -11.25
CA ALA A 709 -18.53 -3.77 -12.35
C ALA A 709 -18.92 -2.96 -13.58
N LEU A 710 -17.92 -2.42 -14.26
CA LEU A 710 -18.10 -1.63 -15.48
C LEU A 710 -17.12 -2.05 -16.56
N ASN A 711 -17.60 -2.08 -17.79
CA ASN A 711 -16.75 -2.30 -18.96
C ASN A 711 -16.26 -0.95 -19.47
N VAL A 712 -15.01 -0.62 -19.19
CA VAL A 712 -14.50 0.75 -19.38
C VAL A 712 -13.66 0.89 -20.64
N TRP A 713 -13.93 1.96 -21.38
CA TRP A 713 -13.25 2.24 -22.64
C TRP A 713 -12.24 3.38 -22.49
N ASP A 714 -12.52 4.29 -21.57
CA ASP A 714 -11.66 5.43 -21.33
C ASP A 714 -11.69 5.76 -19.85
N MET A 715 -10.50 5.93 -19.28
CA MET A 715 -10.36 6.21 -17.85
C MET A 715 -9.34 7.34 -17.66
N GLU A 716 -9.80 8.47 -17.13
CA GLU A 716 -8.95 9.65 -16.92
C GLU A 716 -8.11 10.05 -18.14
N GLY A 717 -8.68 9.92 -19.33
CA GLY A 717 -8.01 10.32 -20.57
C GLY A 717 -7.18 9.24 -21.21
N THR A 718 -7.14 8.05 -20.60
CA THR A 718 -6.52 6.90 -21.23
C THR A 718 -7.56 6.14 -22.04
N ARG A 719 -7.33 6.07 -23.35
CA ARG A 719 -8.20 5.34 -24.25
C ARG A 719 -7.57 3.98 -24.50
N TYR A 720 -8.20 2.94 -23.96
CA TYR A 720 -7.61 1.60 -23.98
C TYR A 720 -7.70 0.96 -25.35
N ALA A 721 -6.62 0.29 -25.75
CA ALA A 721 -6.62 -0.56 -26.94
C ALA A 721 -7.72 -1.63 -26.86
N GLU A 722 -7.92 -2.18 -25.67
CA GLU A 722 -9.00 -3.14 -25.40
C GLU A 722 -9.81 -2.68 -24.19
N PRO A 723 -11.14 -2.90 -24.20
CA PRO A 723 -11.95 -2.49 -23.04
C PRO A 723 -11.39 -3.10 -21.77
N LYS A 724 -11.49 -2.37 -20.67
CA LYS A 724 -10.93 -2.82 -19.40
C LYS A 724 -12.05 -2.98 -18.37
N LEU A 725 -12.09 -4.13 -17.71
CA LEU A 725 -13.06 -4.35 -16.65
C LEU A 725 -12.67 -3.57 -15.41
N LYS A 726 -13.54 -2.66 -14.99
CA LYS A 726 -13.37 -2.02 -13.70
C LYS A 726 -14.32 -2.68 -12.71
N ILE A 727 -13.76 -3.48 -11.82
CA ILE A 727 -14.58 -4.23 -10.88
C ILE A 727 -14.22 -3.84 -9.48
N MET A 728 -15.20 -3.36 -8.73
CA MET A 728 -14.94 -2.95 -7.36
C MET A 728 -15.73 -3.80 -6.36
N GLY A 729 -15.02 -4.28 -5.33
CA GLY A 729 -15.64 -4.89 -4.16
C GLY A 729 -16.10 -6.33 -4.34
N LEU A 730 -16.41 -6.72 -5.56
CA LEU A 730 -16.86 -8.07 -5.86
C LEU A 730 -15.76 -9.07 -5.57
N GLU A 731 -16.16 -10.34 -5.47
CA GLU A 731 -15.28 -11.44 -5.04
C GLU A 731 -14.01 -11.62 -5.86
N THR A 732 -14.04 -11.18 -7.12
CA THR A 732 -12.85 -11.18 -7.97
C THR A 732 -11.72 -10.31 -7.40
N GLN A 733 -12.07 -9.36 -6.54
CA GLN A 733 -11.11 -8.38 -6.00
C GLN A 733 -10.64 -8.71 -4.60
N LYS A 734 -11.21 -9.75 -4.00
CA LYS A 734 -10.89 -10.11 -2.61
C LYS A 734 -9.82 -11.21 -2.54
N SER A 735 -8.80 -10.98 -1.70
CA SER A 735 -7.75 -11.97 -1.49
C SER A 735 -8.27 -13.27 -0.87
N SER A 736 -9.40 -13.18 -0.17
CA SER A 736 -10.03 -14.35 0.45
C SER A 736 -10.62 -15.35 -0.56
N THR A 737 -10.91 -14.87 -1.76
CA THR A 737 -11.49 -15.68 -2.81
C THR A 737 -10.42 -16.53 -3.50
N PRO A 738 -10.70 -17.83 -3.72
CA PRO A 738 -9.72 -18.71 -4.37
C PRO A 738 -9.26 -18.16 -5.72
N LYS A 739 -7.97 -18.36 -6.02
CA LYS A 739 -7.38 -17.83 -7.25
C LYS A 739 -8.14 -18.22 -8.50
N ALA A 740 -8.48 -19.50 -8.61
CA ALA A 740 -9.17 -20.02 -9.78
C ALA A 740 -10.59 -19.49 -9.89
N VAL A 741 -11.22 -19.25 -8.74
CA VAL A 741 -12.57 -18.69 -8.67
C VAL A 741 -12.58 -17.20 -9.04
N GLN A 742 -11.55 -16.46 -8.64
CA GLN A 742 -11.40 -15.06 -9.05
C GLN A 742 -11.40 -15.01 -10.57
N LYS A 743 -10.59 -15.88 -11.16
CA LYS A 743 -10.41 -15.95 -12.61
C LYS A 743 -11.74 -16.28 -13.28
N ALA A 744 -12.41 -17.32 -12.78
CA ALA A 744 -13.70 -17.75 -13.33
C ALA A 744 -14.78 -16.70 -13.20
N LEU A 745 -14.89 -16.09 -12.01
CA LEU A 745 -15.88 -15.05 -11.80
C LEU A 745 -15.61 -13.84 -12.69
N LYS A 746 -14.33 -13.47 -12.84
CA LYS A 746 -13.94 -12.39 -13.73
C LYS A 746 -14.38 -12.65 -15.17
N GLU A 747 -14.18 -13.88 -15.64
CA GLU A 747 -14.59 -14.24 -16.99
C GLU A 747 -16.13 -14.23 -17.12
N CYS A 748 -16.83 -14.62 -16.06
CA CYS A 748 -18.30 -14.54 -16.03
C CYS A 748 -18.74 -13.09 -16.16
N ILE A 749 -18.09 -12.20 -15.43
CA ILE A 749 -18.40 -10.78 -15.49
C ILE A 749 -18.06 -10.21 -16.88
N ARG A 750 -16.93 -10.61 -17.45
CA ARG A 750 -16.53 -10.13 -18.77
C ARG A 750 -17.61 -10.46 -19.79
N ARG A 751 -18.06 -11.71 -19.77
CA ARG A 751 -19.12 -12.17 -20.66
C ARG A 751 -20.43 -11.43 -20.45
N MET A 752 -20.84 -11.25 -19.20
CA MET A 752 -22.01 -10.43 -18.89
C MET A 752 -21.90 -9.04 -19.51
N LEU A 753 -20.79 -8.35 -19.25
CA LEU A 753 -20.62 -6.97 -19.69
C LEU A 753 -20.38 -6.80 -21.19
N GLN A 754 -19.71 -7.78 -21.82
CA GLN A 754 -19.29 -7.64 -23.22
C GLN A 754 -20.07 -8.46 -24.25
N GLU A 755 -20.64 -9.58 -23.82
CA GLU A 755 -21.23 -10.54 -24.75
C GLU A 755 -22.68 -10.88 -24.44
N GLY A 756 -23.04 -10.88 -23.15
CA GLY A 756 -24.43 -11.07 -22.77
C GLY A 756 -24.75 -12.41 -22.13
N GLU A 757 -26.04 -12.63 -21.88
CA GLU A 757 -26.57 -13.77 -21.13
C GLU A 757 -26.16 -15.13 -21.67
N GLU A 758 -26.28 -15.31 -22.99
CA GLU A 758 -26.02 -16.60 -23.60
C GLU A 758 -24.57 -17.02 -23.42
N SER A 759 -23.64 -16.07 -23.64
CA SER A 759 -22.21 -16.31 -23.47
C SER A 759 -21.88 -16.70 -22.02
N LEU A 760 -22.50 -16.00 -21.08
CA LEU A 760 -22.36 -16.31 -19.65
C LEU A 760 -22.79 -17.75 -19.34
N GLN A 761 -23.95 -18.16 -19.84
CA GLN A 761 -24.47 -19.52 -19.65
C GLN A 761 -23.58 -20.62 -20.25
N GLU A 762 -22.94 -20.32 -21.38
CA GLU A 762 -21.97 -21.24 -21.99
C GLU A 762 -20.81 -21.49 -21.04
N TYR A 763 -20.26 -20.41 -20.49
CA TYR A 763 -19.09 -20.49 -19.65
C TYR A 763 -19.36 -21.11 -18.30
N PHE A 764 -20.48 -20.74 -17.69
CA PHE A 764 -20.83 -21.31 -16.40
C PHE A 764 -20.93 -22.82 -16.52
N LYS A 765 -21.65 -23.27 -17.55
CA LYS A 765 -21.86 -24.70 -17.78
C LYS A 765 -20.53 -25.43 -17.88
N GLU A 766 -19.58 -24.85 -18.61
CA GLU A 766 -18.26 -25.48 -18.74
C GLU A 766 -17.47 -25.44 -17.42
N PHE A 767 -17.50 -24.32 -16.71
CA PHE A 767 -16.78 -24.23 -15.43
C PHE A 767 -17.26 -25.27 -14.42
N GLU A 768 -18.58 -25.44 -14.33
CA GLU A 768 -19.20 -26.37 -13.38
C GLU A 768 -18.80 -27.81 -13.70
N LYS A 769 -18.71 -28.10 -14.98
CA LYS A 769 -18.33 -29.42 -15.47
C LYS A 769 -16.85 -29.75 -15.20
N GLU A 770 -15.97 -28.76 -15.30
CA GLU A 770 -14.52 -29.02 -15.27
C GLU A 770 -13.81 -28.69 -13.96
N PHE A 771 -14.47 -27.95 -13.09
CA PHE A 771 -13.75 -27.33 -11.96
C PHE A 771 -13.08 -28.32 -11.01
N ARG A 772 -13.61 -29.55 -10.92
CA ARG A 772 -13.04 -30.58 -10.06
C ARG A 772 -11.59 -30.99 -10.40
N GLN A 773 -11.11 -30.54 -11.57
CA GLN A 773 -9.75 -30.82 -12.01
C GLN A 773 -8.75 -29.78 -11.49
N LEU A 774 -9.27 -28.63 -11.04
CA LEU A 774 -8.43 -27.51 -10.61
C LEU A 774 -7.52 -27.89 -9.45
N ASN A 775 -6.29 -27.38 -9.48
CA ASN A 775 -5.34 -27.64 -8.42
C ASN A 775 -5.90 -27.16 -7.09
N TYR A 776 -5.72 -27.98 -6.05
CA TYR A 776 -6.34 -27.70 -4.75
C TYR A 776 -6.02 -26.32 -4.16
N ILE A 777 -4.79 -25.86 -4.33
CA ILE A 777 -4.37 -24.54 -3.86
C ILE A 777 -5.19 -23.44 -4.55
N SER A 778 -5.40 -23.57 -5.85
CA SER A 778 -6.13 -22.59 -6.64
C SER A 778 -7.61 -22.48 -6.29
N ILE A 779 -8.14 -23.49 -5.59
CA ILE A 779 -9.55 -23.46 -5.19
C ILE A 779 -9.73 -23.35 -3.67
N ALA A 780 -8.63 -23.13 -2.97
CA ALA A 780 -8.65 -22.88 -1.53
C ALA A 780 -9.01 -21.44 -1.21
N SER A 781 -9.88 -21.26 -0.22
CA SER A 781 -10.17 -19.94 0.33
C SER A 781 -8.97 -19.46 1.15
N VAL A 782 -8.87 -18.15 1.34
CA VAL A 782 -7.78 -17.58 2.15
C VAL A 782 -8.34 -16.73 3.28
N SER A 783 -7.72 -16.78 4.45
CA SER A 783 -8.09 -15.91 5.57
C SER A 783 -6.89 -15.65 6.48
N SER A 784 -6.84 -14.46 7.07
CA SER A 784 -5.91 -14.18 8.16
C SER A 784 -6.37 -15.00 9.34
N ALA A 785 -5.43 -15.40 10.18
CA ALA A 785 -5.73 -16.28 11.30
C ALA A 785 -5.38 -15.62 12.64
N ASN A 786 -6.32 -14.88 13.20
CA ASN A 786 -6.12 -14.24 14.51
C ASN A 786 -6.77 -15.03 15.65
N ASN A 787 -6.20 -14.92 16.84
CA ASN A 787 -6.79 -15.50 18.07
C ASN A 787 -7.00 -17.02 18.05
N ILE A 788 -6.04 -17.75 17.49
CA ILE A 788 -6.16 -19.20 17.45
C ILE A 788 -6.32 -19.76 18.87
N ALA A 789 -5.49 -19.29 19.80
CA ALA A 789 -5.55 -19.72 21.22
C ALA A 789 -6.91 -19.53 21.86
N LYS A 790 -7.54 -18.37 21.64
CA LYS A 790 -8.84 -18.03 22.22
C LYS A 790 -9.91 -19.10 21.97
N TYR A 791 -9.90 -19.66 20.77
CA TYR A 791 -10.92 -20.61 20.34
C TYR A 791 -10.48 -22.07 20.45
N ASP A 792 -9.27 -22.28 20.94
CA ASP A 792 -8.71 -23.62 21.14
C ASP A 792 -9.09 -24.14 22.53
N VAL A 793 -10.01 -25.08 22.58
CA VAL A 793 -10.42 -25.71 23.83
C VAL A 793 -10.03 -27.19 23.79
N GLY A 794 -8.86 -27.51 24.34
CA GLY A 794 -8.32 -28.88 24.33
C GLY A 794 -8.01 -29.43 22.95
N GLY A 795 -7.86 -28.55 21.97
CA GLY A 795 -7.58 -28.96 20.59
C GLY A 795 -8.82 -28.93 19.71
N PHE A 796 -9.96 -28.59 20.30
CA PHE A 796 -11.23 -28.53 19.58
C PHE A 796 -11.83 -27.13 19.60
N PRO A 797 -12.68 -26.82 18.59
CA PRO A 797 -13.34 -25.50 18.51
C PRO A 797 -14.13 -25.17 19.76
N GLY A 798 -13.85 -24.00 20.33
CA GLY A 798 -14.64 -23.48 21.45
C GLY A 798 -15.88 -22.78 20.93
N PRO A 799 -16.67 -22.17 21.83
CA PRO A 799 -17.88 -21.49 21.35
C PRO A 799 -17.56 -20.35 20.40
N LYS A 800 -18.41 -20.19 19.37
CA LYS A 800 -18.27 -19.09 18.41
C LYS A 800 -17.01 -19.19 17.52
N CYS A 801 -16.36 -20.35 17.52
CA CYS A 801 -15.13 -20.54 16.74
C CYS A 801 -15.39 -20.24 15.26
N PRO A 802 -14.58 -19.35 14.67
CA PRO A 802 -14.71 -19.03 13.24
C PRO A 802 -14.32 -20.22 12.36
N PHE A 803 -14.89 -20.26 11.15
CA PHE A 803 -14.68 -21.35 10.22
C PHE A 803 -13.21 -21.60 9.91
N HIS A 804 -12.45 -20.53 9.66
CA HIS A 804 -11.02 -20.68 9.34
C HIS A 804 -10.20 -21.15 10.53
N ILE A 805 -10.55 -20.70 11.73
CA ILE A 805 -9.87 -21.12 12.96
C ILE A 805 -10.14 -22.60 13.20
N ARG A 806 -11.39 -23.01 13.00
CA ARG A 806 -11.76 -24.42 13.06
C ARG A 806 -10.84 -25.27 12.18
N GLY A 807 -10.56 -24.77 10.97
CA GLY A 807 -9.74 -25.47 10.01
C GLY A 807 -8.31 -25.64 10.50
N ILE A 808 -7.81 -24.61 11.16
CA ILE A 808 -6.46 -24.63 11.74
C ILE A 808 -6.37 -25.66 12.85
N LEU A 809 -7.39 -25.70 13.71
CA LEU A 809 -7.44 -26.66 14.80
C LEU A 809 -7.48 -28.09 14.27
N THR A 810 -8.25 -28.31 13.21
CA THR A 810 -8.28 -29.59 12.52
C THR A 810 -6.87 -29.97 12.04
N TYR A 811 -6.21 -29.01 11.40
CA TYR A 811 -4.83 -29.17 10.95
C TYR A 811 -3.90 -29.52 12.11
N ASN A 812 -4.02 -28.80 13.23
CA ASN A 812 -3.15 -29.04 14.38
C ASN A 812 -3.27 -30.45 14.97
N ARG A 813 -4.48 -31.01 14.96
CA ARG A 813 -4.69 -32.40 15.39
C ARG A 813 -4.08 -33.39 14.39
N ALA A 814 -4.21 -33.07 13.10
CA ALA A 814 -3.67 -33.92 12.03
C ALA A 814 -2.13 -34.01 12.04
N ILE A 815 -1.46 -32.95 12.51
CA ILE A 815 0.01 -32.93 12.56
C ILE A 815 0.58 -33.09 13.98
N LYS A 816 -0.26 -33.52 14.91
CA LYS A 816 0.10 -33.57 16.33
C LYS A 816 1.37 -34.38 16.55
N GLY A 817 2.23 -33.85 17.42
CA GLY A 817 3.52 -34.47 17.74
C GLY A 817 4.64 -34.08 16.80
N ASN A 818 4.27 -33.66 15.59
CA ASN A 818 5.22 -33.37 14.52
C ASN A 818 5.78 -31.95 14.59
N ILE A 819 7.00 -31.82 15.10
CA ILE A 819 7.68 -30.51 15.17
C ILE A 819 8.23 -30.08 13.80
N ASP A 820 8.34 -31.03 12.88
CA ASP A 820 8.88 -30.80 11.54
C ASP A 820 7.85 -30.27 10.52
N ALA A 821 6.60 -30.70 10.64
CA ALA A 821 5.51 -30.16 9.81
C ALA A 821 5.31 -28.68 10.12
N PRO A 822 4.99 -27.86 9.10
CA PRO A 822 4.81 -26.41 9.31
C PRO A 822 3.73 -26.09 10.33
N GLN A 823 4.05 -25.19 11.26
CA GLN A 823 3.06 -24.70 12.22
C GLN A 823 2.37 -23.49 11.60
N VAL A 824 1.08 -23.34 11.92
CA VAL A 824 0.34 -22.13 11.56
C VAL A 824 0.76 -21.02 12.52
N VAL A 825 1.15 -19.87 11.96
CA VAL A 825 1.59 -18.74 12.77
C VAL A 825 0.44 -17.78 13.04
N GLU A 826 0.17 -17.54 14.32
CA GLU A 826 -0.81 -16.57 14.78
C GLU A 826 -0.70 -15.24 14.02
N GLY A 827 -1.82 -14.82 13.42
CA GLY A 827 -1.89 -13.52 12.77
C GLY A 827 -1.47 -13.51 11.31
N GLU A 828 -0.99 -14.64 10.82
CA GLU A 828 -0.63 -14.77 9.40
C GLU A 828 -1.79 -15.41 8.62
N LYS A 829 -1.59 -15.67 7.33
CA LYS A 829 -2.69 -16.19 6.52
C LYS A 829 -2.69 -17.69 6.33
N VAL A 830 -3.89 -18.26 6.16
CA VAL A 830 -4.06 -19.68 5.85
C VAL A 830 -4.94 -19.91 4.64
N TYR A 831 -4.63 -20.99 3.91
CA TYR A 831 -5.55 -21.57 2.95
C TYR A 831 -6.57 -22.38 3.71
N VAL A 832 -7.80 -22.42 3.21
CA VAL A 832 -8.89 -23.14 3.86
C VAL A 832 -9.68 -23.95 2.83
N LEU A 833 -9.95 -25.21 3.17
CA LEU A 833 -10.74 -26.09 2.31
C LEU A 833 -11.83 -26.78 3.12
N PRO A 834 -13.02 -26.95 2.52
CA PRO A 834 -14.04 -27.74 3.20
C PRO A 834 -13.79 -29.24 3.03
N LEU A 835 -14.27 -30.02 4.00
CA LEU A 835 -14.10 -31.48 3.98
C LEU A 835 -15.45 -32.18 3.99
N ARG A 836 -15.59 -33.24 3.20
CA ARG A 836 -16.83 -34.04 3.14
C ARG A 836 -17.10 -34.79 4.46
N GLU A 837 -18.37 -35.11 4.67
CA GLU A 837 -18.82 -35.87 5.83
C GLU A 837 -18.04 -37.19 6.01
N GLY A 838 -17.71 -37.51 7.25
CA GLY A 838 -17.08 -38.79 7.58
C GLY A 838 -15.63 -38.91 7.15
N ASN A 839 -14.96 -37.77 7.00
CA ASN A 839 -13.54 -37.74 6.69
C ASN A 839 -12.71 -38.07 7.92
N PRO A 840 -11.45 -38.50 7.73
CA PRO A 840 -10.60 -38.90 8.86
C PRO A 840 -10.12 -37.76 9.76
N PHE A 841 -10.30 -36.51 9.34
CA PHE A 841 -9.85 -35.36 10.13
C PHE A 841 -10.85 -34.98 11.23
N GLY A 842 -12.05 -35.55 11.17
CA GLY A 842 -13.06 -35.35 12.21
C GLY A 842 -13.73 -33.99 12.24
N ASP A 843 -13.63 -33.22 11.17
CA ASP A 843 -14.29 -31.92 11.08
C ASP A 843 -14.56 -31.45 9.64
N LYS A 844 -15.33 -30.37 9.52
CA LYS A 844 -15.87 -29.92 8.24
C LYS A 844 -14.91 -29.09 7.37
N CYS A 845 -13.72 -28.77 7.90
CA CYS A 845 -12.72 -28.02 7.15
C CYS A 845 -11.32 -28.18 7.72
N ILE A 846 -10.34 -27.83 6.89
CA ILE A 846 -8.94 -27.81 7.29
C ILE A 846 -8.27 -26.59 6.69
N ALA A 847 -7.27 -26.07 7.39
CA ALA A 847 -6.55 -24.88 6.97
C ALA A 847 -5.07 -25.11 7.19
N TRP A 848 -4.22 -24.56 6.33
CA TRP A 848 -2.77 -24.68 6.49
C TRP A 848 -2.09 -23.38 6.05
N PRO A 849 -0.79 -23.19 6.40
CA PRO A 849 -0.18 -21.89 6.07
C PRO A 849 -0.27 -21.54 4.59
N SER A 850 -0.70 -20.31 4.29
CA SER A 850 -0.88 -19.88 2.90
C SER A 850 0.46 -19.72 2.16
N GLY A 851 0.42 -19.81 0.84
CA GLY A 851 1.64 -19.79 0.02
C GLY A 851 2.44 -21.08 0.08
N THR A 852 1.87 -22.12 0.70
CA THR A 852 2.54 -23.41 0.81
C THR A 852 1.65 -24.58 0.41
N GLU A 853 2.31 -25.63 -0.06
CA GLU A 853 1.72 -26.95 -0.20
C GLU A 853 1.50 -27.48 1.20
N ILE A 854 0.35 -28.11 1.42
CA ILE A 854 0.09 -28.76 2.69
C ILE A 854 1.03 -29.96 2.81
N THR A 855 1.48 -30.25 4.03
CA THR A 855 2.47 -31.29 4.29
C THR A 855 2.06 -32.67 3.73
N ASP A 856 3.07 -33.41 3.25
CA ASP A 856 2.85 -34.65 2.48
C ASP A 856 2.03 -35.76 3.15
N LEU A 857 2.21 -35.96 4.46
CA LEU A 857 1.50 -37.07 5.11
C LEU A 857 -0.02 -36.88 5.19
N ILE A 858 -0.50 -35.64 5.12
CA ILE A 858 -1.95 -35.40 5.07
C ILE A 858 -2.48 -34.87 3.73
N LYS A 859 -1.58 -34.50 2.82
CA LYS A 859 -1.99 -33.96 1.52
C LYS A 859 -2.94 -34.89 0.77
N ASP A 860 -2.52 -36.15 0.60
CA ASP A 860 -3.32 -37.12 -0.12
C ASP A 860 -4.73 -37.29 0.48
N ASP A 861 -4.83 -37.20 1.81
CA ASP A 861 -6.12 -37.27 2.50
C ASP A 861 -6.97 -36.04 2.26
N VAL A 862 -6.34 -34.86 2.25
CA VAL A 862 -7.05 -33.62 1.98
C VAL A 862 -7.64 -33.66 0.57
N LEU A 863 -6.81 -34.02 -0.40
CA LEU A 863 -7.21 -34.13 -1.80
C LEU A 863 -8.33 -35.15 -2.00
N HIS A 864 -8.29 -36.21 -1.20
CA HIS A 864 -9.29 -37.27 -1.31
C HIS A 864 -10.62 -36.83 -0.68
N TRP A 865 -10.54 -36.02 0.37
CA TRP A 865 -11.73 -35.63 1.12
C TRP A 865 -12.26 -34.21 0.89
N MET A 866 -11.54 -33.42 0.08
CA MET A 866 -11.95 -32.09 -0.35
C MET A 866 -13.39 -32.08 -0.79
N ASP A 867 -14.19 -31.16 -0.25
CA ASP A 867 -15.59 -31.03 -0.65
C ASP A 867 -15.76 -30.01 -1.78
N TYR A 868 -15.61 -30.49 -3.01
CA TYR A 868 -15.76 -29.68 -4.22
C TYR A 868 -17.15 -29.07 -4.35
N THR A 869 -18.18 -29.80 -3.92
CA THR A 869 -19.56 -29.32 -4.03
C THR A 869 -19.76 -28.05 -3.18
N VAL A 870 -19.34 -28.13 -1.92
CA VAL A 870 -19.47 -27.00 -1.00
C VAL A 870 -18.60 -25.83 -1.48
N LEU A 871 -17.38 -26.17 -1.90
CA LEU A 871 -16.43 -25.22 -2.45
C LEU A 871 -17.07 -24.42 -3.59
N LEU A 872 -17.65 -25.13 -4.56
CA LEU A 872 -18.29 -24.50 -5.71
C LEU A 872 -19.45 -23.59 -5.31
N GLU A 873 -20.32 -24.11 -4.45
CA GLU A 873 -21.49 -23.35 -3.99
C GLU A 873 -21.13 -22.09 -3.24
N LYS A 874 -20.13 -22.17 -2.37
CA LYS A 874 -19.79 -21.05 -1.49
C LYS A 874 -18.99 -19.96 -2.18
N THR A 875 -17.98 -20.35 -2.94
CA THR A 875 -17.03 -19.39 -3.51
C THR A 875 -17.43 -18.91 -4.91
N PHE A 876 -18.22 -19.72 -5.63
CA PHE A 876 -18.49 -19.40 -7.02
C PHE A 876 -19.96 -19.14 -7.32
N ILE A 877 -20.81 -20.13 -7.04
CA ILE A 877 -22.24 -20.01 -7.36
C ILE A 877 -22.95 -18.93 -6.54
N LYS A 878 -22.74 -18.91 -5.22
CA LYS A 878 -23.35 -17.88 -4.39
C LYS A 878 -23.02 -16.45 -4.89
N PRO A 879 -21.72 -16.11 -5.05
CA PRO A 879 -21.40 -14.78 -5.60
C PRO A 879 -21.99 -14.53 -7.01
N LEU A 880 -21.88 -15.52 -7.90
CA LEU A 880 -22.44 -15.40 -9.25
C LEU A 880 -23.97 -15.16 -9.26
N GLU A 881 -24.69 -15.85 -8.38
CA GLU A 881 -26.13 -15.65 -8.25
C GLU A 881 -26.41 -14.21 -7.79
N GLY A 882 -25.52 -13.68 -6.95
CA GLY A 882 -25.59 -12.27 -6.58
C GLY A 882 -25.39 -11.34 -7.78
N PHE A 883 -24.36 -11.61 -8.60
CA PHE A 883 -24.10 -10.78 -9.80
C PHE A 883 -25.27 -10.81 -10.78
N THR A 884 -25.79 -12.01 -11.04
CA THR A 884 -26.79 -12.21 -12.09
C THR A 884 -28.19 -11.77 -11.66
N SER A 885 -28.55 -11.96 -10.39
CA SER A 885 -29.84 -11.49 -9.92
C SER A 885 -29.86 -9.96 -9.90
N ALA A 886 -28.72 -9.35 -9.59
CA ALA A 886 -28.60 -7.89 -9.66
C ALA A 886 -28.76 -7.40 -11.10
N ALA A 887 -28.11 -8.10 -12.03
CA ALA A 887 -28.12 -7.75 -13.44
C ALA A 887 -29.37 -8.23 -14.18
N LYS A 888 -30.24 -8.95 -13.48
CA LYS A 888 -31.49 -9.51 -14.05
C LYS A 888 -31.16 -10.44 -15.23
N LEU A 889 -30.23 -11.35 -14.96
CA LEU A 889 -29.74 -12.34 -15.92
C LEU A 889 -29.82 -13.71 -15.27
N ASP A 890 -29.83 -14.76 -16.08
CA ASP A 890 -29.76 -16.13 -15.57
C ASP A 890 -28.45 -16.78 -16.02
N TYR A 891 -27.73 -17.38 -15.08
CA TYR A 891 -26.49 -18.09 -15.41
C TYR A 891 -26.77 -19.49 -15.97
N GLU A 892 -28.02 -19.93 -15.84
CA GLU A 892 -28.48 -21.19 -16.39
C GLU A 892 -29.72 -20.97 -17.22
N LYS A 893 -29.72 -21.53 -18.43
CA LYS A 893 -30.81 -21.34 -19.37
C LYS A 893 -32.13 -21.88 -18.83
N LYS A 894 -33.13 -21.01 -18.76
CA LYS A 894 -34.48 -21.39 -18.39
C LYS A 894 -35.14 -22.16 -19.53
N ALA A 895 -36.03 -23.10 -19.20
CA ALA A 895 -36.73 -23.91 -20.20
C ALA A 895 -37.72 -23.05 -21.01
N SER A 896 -37.72 -23.23 -22.33
CA SER A 896 -38.59 -22.47 -23.22
C SER A 896 -39.58 -23.38 -23.99
N LEU A 897 -40.44 -22.74 -24.79
CA LEU A 897 -41.39 -23.48 -25.63
C LEU A 897 -40.71 -24.16 -26.81
N PHE A 898 -39.47 -23.76 -27.11
CA PHE A 898 -38.70 -24.38 -28.20
C PHE A 898 -38.21 -25.78 -27.88
N ASP A 899 -38.15 -26.09 -26.59
CA ASP A 899 -37.79 -27.42 -26.11
C ASP A 899 -38.80 -28.50 -26.55
N MET A 900 -39.92 -28.07 -27.13
CA MET A 900 -40.94 -28.98 -27.67
C MET A 900 -40.47 -29.66 -28.97
N PHE A 901 -39.52 -29.02 -29.65
CA PHE A 901 -38.92 -29.57 -30.86
C PHE A 901 -37.51 -30.07 -30.54
OP2 4DU B 5 -5.89 4.30 12.15
P 4DU B 5 -6.44 5.68 12.87
OP1 4DU B 5 -6.39 5.98 14.50
O5' 4DU B 5 -7.53 6.67 11.98
C5' 4DU B 5 -8.16 7.80 12.53
C4' 4DU B 5 -9.12 8.23 11.44
C3' 4DU B 5 -10.23 7.23 11.27
O3' 4DU B 5 -11.24 7.48 12.24
C2' 4DU B 5 -10.71 7.46 9.85
C1' 4DU B 5 -9.43 7.87 9.15
O4' 4DU B 5 -8.48 8.22 10.17
N9 4DU B 5 -8.91 6.76 8.32
C4 4DU B 5 -9.38 6.38 7.13
C3 4DU B 5 -10.35 6.80 6.38
C2 4DU B 5 -10.61 6.26 5.22
N1 4DU B 5 -9.89 5.22 4.75
C6 4DU B 5 -8.86 4.72 5.48
N6 4DU B 5 -8.11 3.67 5.05
C5 4DU B 5 -8.59 5.31 6.72
N7 4DU B 5 -7.67 5.06 7.68
C8 4DU B 5 -7.88 5.96 8.65
P 2DT C 13 -14.44 2.84 -5.20
OP1 2DT C 13 -16.16 2.95 -5.77
OP2 2DT C 13 -13.17 2.00 -6.18
O5' 2DT C 13 -13.93 3.82 -3.89
N1 2DT C 13 -11.83 4.70 0.25
C6 2DT C 13 -11.05 3.89 -0.50
C2 2DT C 13 -11.55 4.94 1.55
O2 2DT C 13 -12.33 5.77 2.30
N3 2DT C 13 -10.47 4.36 2.11
C4 2DT C 13 -9.67 3.55 1.41
O4 2DT C 13 -8.59 3.00 2.03
C5 2DT C 13 -9.94 3.28 0.07
C5M 2DT C 13 -9.01 2.45 -0.77
C2' 2DT C 13 -12.57 6.52 -1.19
C5' 2DT C 13 -14.95 4.60 -3.29
C4' 2DT C 13 -14.40 5.34 -2.08
O4' 2DT C 13 -13.73 4.47 -1.18
C1' 2DT C 13 -12.99 5.35 -0.33
C3' 2DT C 13 -13.36 6.38 -2.48
PG DTP D . -7.67 11.38 -6.54
O1G DTP D . -9.11 11.21 -6.95
O2G DTP D . -7.07 12.75 -6.82
O3G DTP D . -6.78 10.25 -6.94
PB DTP D . -8.92 11.22 -3.96
O1B DTP D . -8.42 11.40 -2.54
O2B DTP D . -10.05 12.09 -4.44
O3B DTP D . -7.65 11.38 -4.92
PA DTP D . -10.13 8.57 -3.51
O1A DTP D . -9.22 7.39 -3.33
O2A DTP D . -11.40 8.35 -4.27
O3A DTP D . -9.26 9.68 -4.29
O5' DTP D . -10.46 9.13 -2.03
C5' DTP D . -11.58 9.96 -1.79
C4' DTP D . -11.42 10.57 -0.42
O4' DTP D . -11.65 9.54 0.56
C3' DTP D . -10.03 11.08 -0.15
O3' DTP D . -9.77 12.43 -0.59
C2' DTP D . -9.90 10.91 1.35
C1' DTP D . -10.70 9.64 1.63
N9 DTP D . -9.71 8.53 1.62
C8 DTP D . -9.48 7.66 0.62
N7 DTP D . -8.50 6.78 0.95
C5 DTP D . -8.07 7.10 2.19
C6 DTP D . -7.05 6.58 3.13
N6 DTP D . -6.27 5.51 2.80
N1 DTP D . -6.92 7.21 4.33
C2 DTP D . -7.69 8.27 4.66
N3 DTP D . -8.64 8.77 3.85
C4 DTP D . -8.87 8.25 2.63
CA CA E . -11.15 11.57 -6.41
CA CA F . -13.10 8.26 -5.82
CA CA G . 3.66 -2.12 -37.73
CA CA H . -8.91 12.11 -10.52
CA CA I . 15.43 -19.14 3.30
CA CA J . -2.06 -39.83 4.32
CA CA K . -12.79 20.17 -15.31
#